data_7N1K
# 
_entry.id   7N1K 
# 
_audit_conform.dict_name       mmcif_pdbx.dic 
_audit_conform.dict_version    5.389 
_audit_conform.dict_location   http://mmcif.pdb.org/dictionaries/ascii/mmcif_pdbx.dic 
# 
loop_
_database_2.database_id 
_database_2.database_code 
_database_2.pdbx_database_accession 
_database_2.pdbx_DOI 
PDB   7N1K         pdb_00007n1k 10.2210/pdb7n1k/pdb 
WWPDB D_1000257157 ?            ?                   
# 
loop_
_pdbx_audit_revision_history.ordinal 
_pdbx_audit_revision_history.data_content_type 
_pdbx_audit_revision_history.major_revision 
_pdbx_audit_revision_history.minor_revision 
_pdbx_audit_revision_history.revision_date 
1 'Structure model' 1 0 2022-04-06 
2 'Structure model' 1 1 2022-05-18 
3 'Structure model' 1 2 2022-05-25 
4 'Structure model' 1 3 2024-04-03 
# 
_pdbx_audit_revision_details.ordinal             1 
_pdbx_audit_revision_details.revision_ordinal    1 
_pdbx_audit_revision_details.data_content_type   'Structure model' 
_pdbx_audit_revision_details.provider            repository 
_pdbx_audit_revision_details.type                'Initial release' 
_pdbx_audit_revision_details.description         ? 
_pdbx_audit_revision_details.details             ? 
# 
loop_
_pdbx_audit_revision_group.ordinal 
_pdbx_audit_revision_group.revision_ordinal 
_pdbx_audit_revision_group.data_content_type 
_pdbx_audit_revision_group.group 
1 2 'Structure model' 'Database references'    
2 3 'Structure model' 'Database references'    
3 4 'Structure model' 'Data collection'        
4 4 'Structure model' 'Refinement description' 
# 
loop_
_pdbx_audit_revision_category.ordinal 
_pdbx_audit_revision_category.revision_ordinal 
_pdbx_audit_revision_category.data_content_type 
_pdbx_audit_revision_category.category 
1 2 'Structure model' citation                      
2 2 'Structure model' citation_author               
3 3 'Structure model' citation                      
4 4 'Structure model' chem_comp_atom                
5 4 'Structure model' chem_comp_bond                
6 4 'Structure model' pdbx_initial_refinement_model 
# 
loop_
_pdbx_audit_revision_item.ordinal 
_pdbx_audit_revision_item.revision_ordinal 
_pdbx_audit_revision_item.data_content_type 
_pdbx_audit_revision_item.item 
1 2 'Structure model' '_citation.title'          
2 3 'Structure model' '_citation.journal_volume' 
3 3 'Structure model' '_citation.page_first'     
4 3 'Structure model' '_citation.page_last'      
# 
_pdbx_database_status.status_code                     REL 
_pdbx_database_status.status_code_sf                  REL 
_pdbx_database_status.status_code_mr                  ? 
_pdbx_database_status.entry_id                        7N1K 
_pdbx_database_status.recvd_initial_deposition_date   2021-05-27 
_pdbx_database_status.SG_entry                        N 
_pdbx_database_status.deposit_site                    RCSB 
_pdbx_database_status.process_site                    RCSB 
_pdbx_database_status.status_code_cs                  ? 
_pdbx_database_status.status_code_nmr_data            ? 
_pdbx_database_status.methods_development_category    ? 
_pdbx_database_status.pdb_format_compatible           Y 
# 
_pdbx_database_related.db_name        PDB 
_pdbx_database_related.details        . 
_pdbx_database_related.db_id          7N1J 
_pdbx_database_related.content_type   unspecified 
# 
_pdbx_contact_author.id                 2 
_pdbx_contact_author.email              s.lee@yale.edu 
_pdbx_contact_author.name_first         Sangwon 
_pdbx_contact_author.name_last          Lee 
_pdbx_contact_author.name_mi            ? 
_pdbx_contact_author.role               'principal investigator/group leader' 
_pdbx_contact_author.identifier_ORCID   0000-0002-9441-6546 
# 
loop_
_audit_author.name 
_audit_author.pdbx_ordinal 
_audit_author.identifier_ORCID 
'Park, J.S.' 1 0000-0002-1575-1849 
'Lee, S.'    2 0000-0002-9441-6546 
# 
_citation.abstract                  ? 
_citation.abstract_id_CAS           ? 
_citation.book_id_ISBN              ? 
_citation.book_publisher            ? 
_citation.book_publisher_city       ? 
_citation.book_title                ? 
_citation.coordinate_linkage        ? 
_citation.country                   UK 
_citation.database_id_Medline       ? 
_citation.details                   ? 
_citation.id                        primary 
_citation.journal_abbrev            Nature 
_citation.journal_id_ASTM           NATUAS 
_citation.journal_id_CSD            0006 
_citation.journal_id_ISSN           1476-4687 
_citation.journal_full              ? 
_citation.journal_issue             ? 
_citation.journal_volume            605 
_citation.language                  ? 
_citation.page_first                551 
_citation.page_last                 560 
_citation.title                     'Design of protein-binding proteins from the target structure alone.' 
_citation.year                      2022 
_citation.database_id_CSD           ? 
_citation.pdbx_database_id_DOI      10.1038/s41586-022-04654-9 
_citation.pdbx_database_id_PubMed   35332283 
_citation.pdbx_database_id_patent   ? 
_citation.unpublished_flag          ? 
# 
loop_
_citation_author.citation_id 
_citation_author.name 
_citation_author.ordinal 
_citation_author.identifier_ORCID 
primary 'Cao, L.'             1  ?                   
primary 'Coventry, B.'        2  ?                   
primary 'Goreshnik, I.'       3  ?                   
primary 'Huang, B.'           4  ?                   
primary 'Sheffler, W.'        5  ?                   
primary 'Park, J.S.'          6  0000-0002-1575-1849 
primary 'Jude, K.M.'          7  0000-0002-3675-5136 
primary 'Markovic, I.'        8  ?                   
primary 'Kadam, R.U.'         9  ?                   
primary 'Verschueren, K.H.G.' 10 ?                   
primary 'Verstraete, K.'      11 ?                   
primary 'Walsh, S.T.R.'       12 ?                   
primary 'Bennett, N.'         13 ?                   
primary 'Phal, A.'            14 0000-0001-8405-4150 
primary 'Yang, A.'            15 0000-0002-8704-0288 
primary 'Kozodoy, L.'         16 ?                   
primary 'DeWitt, M.'          17 ?                   
primary 'Picton, L.'          18 0000-0002-0482-5187 
primary 'Miller, L.'          19 ?                   
primary 'Strauch, E.M.'       20 0000-0001-7382-747X 
primary 'DeBouver, N.D.'      21 0000-0003-2545-6007 
primary 'Pires, A.'           22 ?                   
primary 'Bera, A.K.'          23 0000-0001-9473-2912 
primary 'Halabiya, S.'        24 ?                   
primary 'Hammerson, B.'       25 ?                   
primary 'Yang, W.'            26 ?                   
primary 'Bernard, S.'         27 ?                   
primary 'Stewart, L.'         28 0000-0003-4264-5125 
primary 'Wilson, I.A.'        29 0000-0002-6469-2419 
primary 'Ruohola-Baker, H.'   30 0000-0002-5588-4531 
primary 'Schlessinger, J.'    31 0000-0002-5085-5969 
primary 'Lee, S.'             32 ?                   
primary 'Savvides, S.N.'      33 0000-0003-3420-5947 
primary 'Garcia, K.C.'        34 0000-0001-9273-0278 
primary 'Baker, D.'           35 0000-0001-7896-6217 
# 
_entity.id                         1 
_entity.type                       polymer 
_entity.src_method                 man 
_entity.pdbx_description           Binder 
_entity.formula_weight             7535.809 
_entity.pdbx_number_of_molecules   1 
_entity.pdbx_ec                    ? 
_entity.pdbx_mutation              ? 
_entity.pdbx_fragment              ? 
_entity.details                    ? 
# 
_entity_poly.entity_id                      1 
_entity_poly.type                           'polypeptide(L)' 
_entity_poly.nstd_linkage                   no 
_entity_poly.nstd_monomer                   no 
_entity_poly.pdbx_seq_one_letter_code       GGGDRRKEMDKVYRTAFKRITSTPDKEKRKEVVKEATEQLRRIAKDEEEKKKAAYMILFLKTLG 
_entity_poly.pdbx_seq_one_letter_code_can   GGGDRRKEMDKVYRTAFKRITSTPDKEKRKEVVKEATEQLRRIAKDEEEKKKAAYMILFLKTLG 
_entity_poly.pdbx_strand_id                 A 
_entity_poly.pdbx_target_identifier         ? 
# 
loop_
_entity_poly_seq.entity_id 
_entity_poly_seq.num 
_entity_poly_seq.mon_id 
_entity_poly_seq.hetero 
1 1  GLY n 
1 2  GLY n 
1 3  GLY n 
1 4  ASP n 
1 5  ARG n 
1 6  ARG n 
1 7  LYS n 
1 8  GLU n 
1 9  MET n 
1 10 ASP n 
1 11 LYS n 
1 12 VAL n 
1 13 TYR n 
1 14 ARG n 
1 15 THR n 
1 16 ALA n 
1 17 PHE n 
1 18 LYS n 
1 19 ARG n 
1 20 ILE n 
1 21 THR n 
1 22 SER n 
1 23 THR n 
1 24 PRO n 
1 25 ASP n 
1 26 LYS n 
1 27 GLU n 
1 28 LYS n 
1 29 ARG n 
1 30 LYS n 
1 31 GLU n 
1 32 VAL n 
1 33 VAL n 
1 34 LYS n 
1 35 GLU n 
1 36 ALA n 
1 37 THR n 
1 38 GLU n 
1 39 GLN n 
1 40 LEU n 
1 41 ARG n 
1 42 ARG n 
1 43 ILE n 
1 44 ALA n 
1 45 LYS n 
1 46 ASP n 
1 47 GLU n 
1 48 GLU n 
1 49 GLU n 
1 50 LYS n 
1 51 LYS n 
1 52 LYS n 
1 53 ALA n 
1 54 ALA n 
1 55 TYR n 
1 56 MET n 
1 57 ILE n 
1 58 LEU n 
1 59 PHE n 
1 60 LEU n 
1 61 LYS n 
1 62 THR n 
1 63 LEU n 
1 64 GLY n 
# 
_entity_src_gen.entity_id                          1 
_entity_src_gen.pdbx_src_id                        1 
_entity_src_gen.pdbx_alt_source_flag               sample 
_entity_src_gen.pdbx_seq_type                      'Biological sequence' 
_entity_src_gen.pdbx_beg_seq_num                   1 
_entity_src_gen.pdbx_end_seq_num                   64 
_entity_src_gen.gene_src_common_name               ? 
_entity_src_gen.gene_src_genus                     ? 
_entity_src_gen.pdbx_gene_src_gene                 ? 
_entity_src_gen.gene_src_species                   ? 
_entity_src_gen.gene_src_strain                    ? 
_entity_src_gen.gene_src_tissue                    ? 
_entity_src_gen.gene_src_tissue_fraction           ? 
_entity_src_gen.gene_src_details                   ? 
_entity_src_gen.pdbx_gene_src_fragment             ? 
_entity_src_gen.pdbx_gene_src_scientific_name      'synthetic construct' 
_entity_src_gen.pdbx_gene_src_ncbi_taxonomy_id     32630 
_entity_src_gen.pdbx_gene_src_variant              ? 
_entity_src_gen.pdbx_gene_src_cell_line            ? 
_entity_src_gen.pdbx_gene_src_atcc                 ? 
_entity_src_gen.pdbx_gene_src_organ                ? 
_entity_src_gen.pdbx_gene_src_organelle            ? 
_entity_src_gen.pdbx_gene_src_cell                 ? 
_entity_src_gen.pdbx_gene_src_cellular_location    ? 
_entity_src_gen.host_org_common_name               ? 
_entity_src_gen.pdbx_host_org_scientific_name      'Escherichia coli' 
_entity_src_gen.pdbx_host_org_ncbi_taxonomy_id     562 
_entity_src_gen.host_org_genus                     ? 
_entity_src_gen.pdbx_host_org_gene                 ? 
_entity_src_gen.pdbx_host_org_organ                ? 
_entity_src_gen.host_org_species                   ? 
_entity_src_gen.pdbx_host_org_tissue               ? 
_entity_src_gen.pdbx_host_org_tissue_fraction      ? 
_entity_src_gen.pdbx_host_org_strain               ? 
_entity_src_gen.pdbx_host_org_variant              ? 
_entity_src_gen.pdbx_host_org_cell_line            ? 
_entity_src_gen.pdbx_host_org_atcc                 ? 
_entity_src_gen.pdbx_host_org_culture_collection   ? 
_entity_src_gen.pdbx_host_org_cell                 ? 
_entity_src_gen.pdbx_host_org_organelle            ? 
_entity_src_gen.pdbx_host_org_cellular_location    ? 
_entity_src_gen.pdbx_host_org_vector_type          ? 
_entity_src_gen.pdbx_host_org_vector               ? 
_entity_src_gen.host_org_details                   ? 
_entity_src_gen.expression_system_id               ? 
_entity_src_gen.plasmid_name                       ? 
_entity_src_gen.plasmid_details                    ? 
_entity_src_gen.pdbx_description                   ? 
# 
loop_
_chem_comp.id 
_chem_comp.type 
_chem_comp.mon_nstd_flag 
_chem_comp.name 
_chem_comp.pdbx_synonyms 
_chem_comp.formula 
_chem_comp.formula_weight 
ALA 'L-peptide linking' y ALANINE         ? 'C3 H7 N O2'     89.093  
ARG 'L-peptide linking' y ARGININE        ? 'C6 H15 N4 O2 1' 175.209 
ASP 'L-peptide linking' y 'ASPARTIC ACID' ? 'C4 H7 N O4'     133.103 
GLN 'L-peptide linking' y GLUTAMINE       ? 'C5 H10 N2 O3'   146.144 
GLU 'L-peptide linking' y 'GLUTAMIC ACID' ? 'C5 H9 N O4'     147.129 
GLY 'peptide linking'   y GLYCINE         ? 'C2 H5 N O2'     75.067  
ILE 'L-peptide linking' y ISOLEUCINE      ? 'C6 H13 N O2'    131.173 
LEU 'L-peptide linking' y LEUCINE         ? 'C6 H13 N O2'    131.173 
LYS 'L-peptide linking' y LYSINE          ? 'C6 H15 N2 O2 1' 147.195 
MET 'L-peptide linking' y METHIONINE      ? 'C5 H11 N O2 S'  149.211 
PHE 'L-peptide linking' y PHENYLALANINE   ? 'C9 H11 N O2'    165.189 
PRO 'L-peptide linking' y PROLINE         ? 'C5 H9 N O2'     115.130 
SER 'L-peptide linking' y SERINE          ? 'C3 H7 N O3'     105.093 
THR 'L-peptide linking' y THREONINE       ? 'C4 H9 N O3'     119.119 
TYR 'L-peptide linking' y TYROSINE        ? 'C9 H11 N O3'    181.189 
VAL 'L-peptide linking' y VALINE          ? 'C5 H11 N O2'    117.146 
# 
loop_
_pdbx_poly_seq_scheme.asym_id 
_pdbx_poly_seq_scheme.entity_id 
_pdbx_poly_seq_scheme.seq_id 
_pdbx_poly_seq_scheme.mon_id 
_pdbx_poly_seq_scheme.ndb_seq_num 
_pdbx_poly_seq_scheme.pdb_seq_num 
_pdbx_poly_seq_scheme.auth_seq_num 
_pdbx_poly_seq_scheme.pdb_mon_id 
_pdbx_poly_seq_scheme.auth_mon_id 
_pdbx_poly_seq_scheme.pdb_strand_id 
_pdbx_poly_seq_scheme.pdb_ins_code 
_pdbx_poly_seq_scheme.hetero 
A 1 1  GLY 1  -2 ?  ?   ?   A . n 
A 1 2  GLY 2  -1 ?  ?   ?   A . n 
A 1 3  GLY 3  0  ?  ?   ?   A . n 
A 1 4  ASP 4  1  1  ASP ASP A . n 
A 1 5  ARG 5  2  2  ARG ARG A . n 
A 1 6  ARG 6  3  3  ARG ARG A . n 
A 1 7  LYS 7  4  4  LYS LYS A . n 
A 1 8  GLU 8  5  5  GLU GLU A . n 
A 1 9  MET 9  6  6  MET MET A . n 
A 1 10 ASP 10 7  7  ASP ASP A . n 
A 1 11 LYS 11 8  8  LYS LYS A . n 
A 1 12 VAL 12 9  9  VAL VAL A . n 
A 1 13 TYR 13 10 10 TYR TYR A . n 
A 1 14 ARG 14 11 11 ARG ARG A . n 
A 1 15 THR 15 12 12 THR THR A . n 
A 1 16 ALA 16 13 13 ALA ALA A . n 
A 1 17 PHE 17 14 14 PHE PHE A . n 
A 1 18 LYS 18 15 15 LYS LYS A . n 
A 1 19 ARG 19 16 16 ARG ARG A . n 
A 1 20 ILE 20 17 17 ILE ILE A . n 
A 1 21 THR 21 18 18 THR THR A . n 
A 1 22 SER 22 19 19 SER SER A . n 
A 1 23 THR 23 20 20 THR THR A . n 
A 1 24 PRO 24 21 21 PRO PRO A . n 
A 1 25 ASP 25 22 22 ASP ASP A . n 
A 1 26 LYS 26 23 23 LYS LYS A . n 
A 1 27 GLU 27 24 24 GLU GLU A . n 
A 1 28 LYS 28 25 25 LYS LYS A . n 
A 1 29 ARG 29 26 26 ARG ARG A . n 
A 1 30 LYS 30 27 27 LYS LYS A . n 
A 1 31 GLU 31 28 28 GLU GLU A . n 
A 1 32 VAL 32 29 29 VAL VAL A . n 
A 1 33 VAL 33 30 30 VAL VAL A . n 
A 1 34 LYS 34 31 31 LYS LYS A . n 
A 1 35 GLU 35 32 32 GLU GLU A . n 
A 1 36 ALA 36 33 33 ALA ALA A . n 
A 1 37 THR 37 34 34 THR THR A . n 
A 1 38 GLU 38 35 35 GLU GLU A . n 
A 1 39 GLN 39 36 36 GLN GLN A . n 
A 1 40 LEU 40 37 37 LEU LEU A . n 
A 1 41 ARG 41 38 38 ARG ARG A . n 
A 1 42 ARG 42 39 39 ARG ARG A . n 
A 1 43 ILE 43 40 40 ILE ILE A . n 
A 1 44 ALA 44 41 41 ALA ALA A . n 
A 1 45 LYS 45 42 42 LYS LYS A . n 
A 1 46 ASP 46 43 43 ASP ASP A . n 
A 1 47 GLU 47 44 44 GLU GLU A . n 
A 1 48 GLU 48 45 45 GLU GLU A . n 
A 1 49 GLU 49 46 46 GLU GLU A . n 
A 1 50 LYS 50 47 47 LYS LYS A . n 
A 1 51 LYS 51 48 48 LYS LYS A . n 
A 1 52 LYS 52 49 49 LYS LYS A . n 
A 1 53 ALA 53 50 50 ALA ALA A . n 
A 1 54 ALA 54 51 51 ALA ALA A . n 
A 1 55 TYR 55 52 52 TYR TYR A . n 
A 1 56 MET 56 53 53 MET MET A . n 
A 1 57 ILE 57 54 54 ILE ILE A . n 
A 1 58 LEU 58 55 55 LEU LEU A . n 
A 1 59 PHE 59 56 56 PHE PHE A . n 
A 1 60 LEU 60 57 57 LEU LEU A . n 
A 1 61 LYS 61 58 58 LYS LYS A . n 
A 1 62 THR 62 59 59 THR THR A . n 
A 1 63 LEU 63 60 60 LEU LEU A . n 
A 1 64 GLY 64 61 ?  ?   ?   A . n 
# 
loop_
_pdbx_unobs_or_zero_occ_atoms.id 
_pdbx_unobs_or_zero_occ_atoms.PDB_model_num 
_pdbx_unobs_or_zero_occ_atoms.polymer_flag 
_pdbx_unobs_or_zero_occ_atoms.occupancy_flag 
_pdbx_unobs_or_zero_occ_atoms.auth_asym_id 
_pdbx_unobs_or_zero_occ_atoms.auth_comp_id 
_pdbx_unobs_or_zero_occ_atoms.auth_seq_id 
_pdbx_unobs_or_zero_occ_atoms.PDB_ins_code 
_pdbx_unobs_or_zero_occ_atoms.auth_atom_id 
_pdbx_unobs_or_zero_occ_atoms.label_alt_id 
_pdbx_unobs_or_zero_occ_atoms.label_asym_id 
_pdbx_unobs_or_zero_occ_atoms.label_comp_id 
_pdbx_unobs_or_zero_occ_atoms.label_seq_id 
_pdbx_unobs_or_zero_occ_atoms.label_atom_id 
1   1 Y 1 A ASP 1  ? CG  ? A ASP 4  CG  
2   1 Y 1 A ASP 1  ? OD1 ? A ASP 4  OD1 
3   1 Y 1 A ASP 1  ? OD2 ? A ASP 4  OD2 
4   1 Y 1 A ARG 2  ? CG  ? A ARG 5  CG  
5   1 Y 1 A ARG 2  ? CD  ? A ARG 5  CD  
6   1 Y 1 A ARG 2  ? NE  ? A ARG 5  NE  
7   1 Y 1 A ARG 2  ? CZ  ? A ARG 5  CZ  
8   1 Y 1 A ARG 2  ? NH1 ? A ARG 5  NH1 
9   1 Y 1 A ARG 2  ? NH2 ? A ARG 5  NH2 
10  1 Y 1 A ARG 3  ? CG  ? A ARG 6  CG  
11  1 Y 1 A ARG 3  ? CD  ? A ARG 6  CD  
12  1 Y 1 A ARG 3  ? NE  ? A ARG 6  NE  
13  1 Y 1 A ARG 3  ? CZ  ? A ARG 6  CZ  
14  1 Y 1 A ARG 3  ? NH1 ? A ARG 6  NH1 
15  1 Y 1 A ARG 3  ? NH2 ? A ARG 6  NH2 
16  1 Y 1 A LYS 4  ? CG  ? A LYS 7  CG  
17  1 Y 1 A LYS 4  ? CD  ? A LYS 7  CD  
18  1 Y 1 A LYS 4  ? CE  ? A LYS 7  CE  
19  1 Y 1 A LYS 4  ? NZ  ? A LYS 7  NZ  
20  1 Y 1 A GLU 5  ? CG  ? A GLU 8  CG  
21  1 Y 1 A GLU 5  ? CD  ? A GLU 8  CD  
22  1 Y 1 A GLU 5  ? OE1 ? A GLU 8  OE1 
23  1 Y 1 A GLU 5  ? OE2 ? A GLU 8  OE2 
24  1 Y 1 A ASP 7  ? CG  ? A ASP 10 CG  
25  1 Y 1 A ASP 7  ? OD1 ? A ASP 10 OD1 
26  1 Y 1 A ASP 7  ? OD2 ? A ASP 10 OD2 
27  1 Y 1 A LYS 8  ? CG  ? A LYS 11 CG  
28  1 Y 1 A LYS 8  ? CD  ? A LYS 11 CD  
29  1 Y 1 A LYS 8  ? CE  ? A LYS 11 CE  
30  1 Y 1 A LYS 8  ? NZ  ? A LYS 11 NZ  
31  1 Y 1 A ARG 11 ? CG  ? A ARG 14 CG  
32  1 Y 1 A ARG 11 ? CD  ? A ARG 14 CD  
33  1 Y 1 A ARG 11 ? NE  ? A ARG 14 NE  
34  1 Y 1 A ARG 11 ? CZ  ? A ARG 14 CZ  
35  1 Y 1 A ARG 11 ? NH1 ? A ARG 14 NH1 
36  1 Y 1 A ARG 11 ? NH2 ? A ARG 14 NH2 
37  1 Y 1 A LYS 15 ? CG  ? A LYS 18 CG  
38  1 Y 1 A LYS 15 ? CD  ? A LYS 18 CD  
39  1 Y 1 A LYS 15 ? CE  ? A LYS 18 CE  
40  1 Y 1 A LYS 15 ? NZ  ? A LYS 18 NZ  
41  1 Y 1 A ARG 16 ? CG  ? A ARG 19 CG  
42  1 Y 1 A ARG 16 ? CD  ? A ARG 19 CD  
43  1 Y 1 A ARG 16 ? NE  ? A ARG 19 NE  
44  1 Y 1 A ARG 16 ? CZ  ? A ARG 19 CZ  
45  1 Y 1 A ARG 16 ? NH1 ? A ARG 19 NH1 
46  1 Y 1 A ARG 16 ? NH2 ? A ARG 19 NH2 
47  1 Y 1 A THR 18 ? OG1 ? A THR 21 OG1 
48  1 Y 1 A THR 18 ? CG2 ? A THR 21 CG2 
49  1 Y 1 A ASP 22 ? CG  ? A ASP 25 CG  
50  1 Y 1 A ASP 22 ? OD1 ? A ASP 25 OD1 
51  1 Y 1 A ASP 22 ? OD2 ? A ASP 25 OD2 
52  1 Y 1 A LYS 23 ? CG  ? A LYS 26 CG  
53  1 Y 1 A LYS 23 ? CD  ? A LYS 26 CD  
54  1 Y 1 A LYS 23 ? CE  ? A LYS 26 CE  
55  1 Y 1 A LYS 23 ? NZ  ? A LYS 26 NZ  
56  1 Y 1 A GLU 24 ? CG  ? A GLU 27 CG  
57  1 Y 1 A GLU 24 ? CD  ? A GLU 27 CD  
58  1 Y 1 A GLU 24 ? OE1 ? A GLU 27 OE1 
59  1 Y 1 A GLU 24 ? OE2 ? A GLU 27 OE2 
60  1 Y 1 A LYS 25 ? CG  ? A LYS 28 CG  
61  1 Y 1 A LYS 25 ? CD  ? A LYS 28 CD  
62  1 Y 1 A LYS 25 ? CE  ? A LYS 28 CE  
63  1 Y 1 A LYS 25 ? NZ  ? A LYS 28 NZ  
64  1 Y 1 A LYS 27 ? CG  ? A LYS 30 CG  
65  1 Y 1 A LYS 27 ? CD  ? A LYS 30 CD  
66  1 Y 1 A LYS 27 ? CE  ? A LYS 30 CE  
67  1 Y 1 A LYS 27 ? NZ  ? A LYS 30 NZ  
68  1 Y 1 A GLU 28 ? CG  ? A GLU 31 CG  
69  1 Y 1 A GLU 28 ? CD  ? A GLU 31 CD  
70  1 Y 1 A GLU 28 ? OE1 ? A GLU 31 OE1 
71  1 Y 1 A GLU 28 ? OE2 ? A GLU 31 OE2 
72  1 Y 1 A LYS 31 ? CG  ? A LYS 34 CG  
73  1 Y 1 A LYS 31 ? CD  ? A LYS 34 CD  
74  1 Y 1 A LYS 31 ? CE  ? A LYS 34 CE  
75  1 Y 1 A LYS 31 ? NZ  ? A LYS 34 NZ  
76  1 Y 1 A GLU 32 ? CG  ? A GLU 35 CG  
77  1 Y 1 A GLU 32 ? CD  ? A GLU 35 CD  
78  1 Y 1 A GLU 32 ? OE1 ? A GLU 35 OE1 
79  1 Y 1 A GLU 32 ? OE2 ? A GLU 35 OE2 
80  1 Y 1 A GLU 35 ? CG  ? A GLU 38 CG  
81  1 Y 1 A GLU 35 ? CD  ? A GLU 38 CD  
82  1 Y 1 A GLU 35 ? OE1 ? A GLU 38 OE1 
83  1 Y 1 A GLU 35 ? OE2 ? A GLU 38 OE2 
84  1 Y 1 A GLN 36 ? CG  ? A GLN 39 CG  
85  1 Y 1 A GLN 36 ? CD  ? A GLN 39 CD  
86  1 Y 1 A GLN 36 ? OE1 ? A GLN 39 OE1 
87  1 Y 1 A GLN 36 ? NE2 ? A GLN 39 NE2 
88  1 Y 1 A ARG 38 ? CG  ? A ARG 41 CG  
89  1 Y 1 A ARG 38 ? CD  ? A ARG 41 CD  
90  1 Y 1 A ARG 38 ? NE  ? A ARG 41 NE  
91  1 Y 1 A ARG 38 ? CZ  ? A ARG 41 CZ  
92  1 Y 1 A ARG 38 ? NH1 ? A ARG 41 NH1 
93  1 Y 1 A ARG 38 ? NH2 ? A ARG 41 NH2 
94  1 Y 1 A ARG 39 ? CG  ? A ARG 42 CG  
95  1 Y 1 A ARG 39 ? CD  ? A ARG 42 CD  
96  1 Y 1 A ARG 39 ? NE  ? A ARG 42 NE  
97  1 Y 1 A ARG 39 ? CZ  ? A ARG 42 CZ  
98  1 Y 1 A ARG 39 ? NH1 ? A ARG 42 NH1 
99  1 Y 1 A ARG 39 ? NH2 ? A ARG 42 NH2 
100 1 Y 1 A ILE 40 ? CG1 ? A ILE 43 CG1 
101 1 Y 1 A ILE 40 ? CG2 ? A ILE 43 CG2 
102 1 Y 1 A ILE 40 ? CD1 ? A ILE 43 CD1 
103 1 Y 1 A LYS 42 ? CG  ? A LYS 45 CG  
104 1 Y 1 A LYS 42 ? CD  ? A LYS 45 CD  
105 1 Y 1 A LYS 42 ? CE  ? A LYS 45 CE  
106 1 Y 1 A LYS 42 ? NZ  ? A LYS 45 NZ  
107 1 Y 1 A ASP 43 ? CG  ? A ASP 46 CG  
108 1 Y 1 A ASP 43 ? OD1 ? A ASP 46 OD1 
109 1 Y 1 A ASP 43 ? OD2 ? A ASP 46 OD2 
110 1 Y 1 A GLU 44 ? CG  ? A GLU 47 CG  
111 1 Y 1 A GLU 44 ? CD  ? A GLU 47 CD  
112 1 Y 1 A GLU 44 ? OE1 ? A GLU 47 OE1 
113 1 Y 1 A GLU 44 ? OE2 ? A GLU 47 OE2 
114 1 Y 1 A GLU 45 ? CG  ? A GLU 48 CG  
115 1 Y 1 A GLU 45 ? CD  ? A GLU 48 CD  
116 1 Y 1 A GLU 45 ? OE1 ? A GLU 48 OE1 
117 1 Y 1 A GLU 45 ? OE2 ? A GLU 48 OE2 
118 1 Y 1 A LYS 47 ? CG  ? A LYS 50 CG  
119 1 Y 1 A LYS 47 ? CD  ? A LYS 50 CD  
120 1 Y 1 A LYS 47 ? CE  ? A LYS 50 CE  
121 1 Y 1 A LYS 47 ? NZ  ? A LYS 50 NZ  
122 1 Y 1 A LYS 49 ? CG  ? A LYS 52 CG  
123 1 Y 1 A LYS 49 ? CD  ? A LYS 52 CD  
124 1 Y 1 A LYS 49 ? CE  ? A LYS 52 CE  
125 1 Y 1 A LYS 49 ? NZ  ? A LYS 52 NZ  
126 1 Y 1 A LYS 58 ? CG  ? A LYS 61 CG  
127 1 Y 1 A LYS 58 ? CD  ? A LYS 61 CD  
128 1 Y 1 A LYS 58 ? CE  ? A LYS 61 CE  
129 1 Y 1 A LYS 58 ? NZ  ? A LYS 61 NZ  
# 
loop_
_software.citation_id 
_software.classification 
_software.compiler_name 
_software.compiler_version 
_software.contact_author 
_software.contact_author_email 
_software.date 
_software.description 
_software.dependencies 
_software.hardware 
_software.language 
_software.location 
_software.mods 
_software.name 
_software.os 
_software.os_version 
_software.type 
_software.version 
_software.pdbx_ordinal 
? refinement       ? ? ? ? ? ? ? ? ? ? ? PHENIX ? ? ? 1.19.2_4158 1 
? 'data reduction' ? ? ? ? ? ? ? ? ? ? ? XDS    ? ? ? .           2 
? 'data scaling'   ? ? ? ? ? ? ? ? ? ? ? XDS    ? ? ? .           3 
? phasing          ? ? ? ? ? ? ? ? ? ? ? PHASER ? ? ? .           4 
# 
_cell.angle_alpha                  90.000 
_cell.angle_alpha_esd              ? 
_cell.angle_beta                   90.000 
_cell.angle_beta_esd               ? 
_cell.angle_gamma                  90.000 
_cell.angle_gamma_esd              ? 
_cell.entry_id                     7N1K 
_cell.details                      ? 
_cell.formula_units_Z              ? 
_cell.length_a                     42.482 
_cell.length_a_esd                 ? 
_cell.length_b                     42.482 
_cell.length_b_esd                 ? 
_cell.length_c                     83.143 
_cell.length_c_esd                 ? 
_cell.volume                       150049.862 
_cell.volume_esd                   ? 
_cell.Z_PDB                        8 
_cell.reciprocal_angle_alpha       ? 
_cell.reciprocal_angle_beta        ? 
_cell.reciprocal_angle_gamma       ? 
_cell.reciprocal_angle_alpha_esd   ? 
_cell.reciprocal_angle_beta_esd    ? 
_cell.reciprocal_angle_gamma_esd   ? 
_cell.reciprocal_length_a          ? 
_cell.reciprocal_length_b          ? 
_cell.reciprocal_length_c          ? 
_cell.reciprocal_length_a_esd      ? 
_cell.reciprocal_length_b_esd      ? 
_cell.reciprocal_length_c_esd      ? 
_cell.pdbx_unique_axis             ? 
# 
_symmetry.entry_id                         7N1K 
_symmetry.cell_setting                     ? 
_symmetry.Int_Tables_number                95 
_symmetry.space_group_name_Hall            'P 4cw 2c' 
_symmetry.space_group_name_H-M             'P 43 2 2' 
_symmetry.pdbx_full_space_group_name_H-M   ? 
# 
_exptl.absorpt_coefficient_mu     ? 
_exptl.absorpt_correction_T_max   ? 
_exptl.absorpt_correction_T_min   ? 
_exptl.absorpt_correction_type    ? 
_exptl.absorpt_process_details    ? 
_exptl.entry_id                   7N1K 
_exptl.crystals_number            1 
_exptl.details                    ? 
_exptl.method                     'X-RAY DIFFRACTION' 
_exptl.method_details             ? 
# 
_exptl_crystal.colour                      ? 
_exptl_crystal.density_diffrn              ? 
_exptl_crystal.density_Matthews            2.49 
_exptl_crystal.density_method              ? 
_exptl_crystal.density_percent_sol         50.58 
_exptl_crystal.description                 ? 
_exptl_crystal.F_000                       ? 
_exptl_crystal.id                          1 
_exptl_crystal.preparation                 ? 
_exptl_crystal.size_max                    ? 
_exptl_crystal.size_mid                    ? 
_exptl_crystal.size_min                    ? 
_exptl_crystal.size_rad                    ? 
_exptl_crystal.colour_lustre               ? 
_exptl_crystal.colour_modifier             ? 
_exptl_crystal.colour_primary              ? 
_exptl_crystal.density_meas                ? 
_exptl_crystal.density_meas_esd            ? 
_exptl_crystal.density_meas_gt             ? 
_exptl_crystal.density_meas_lt             ? 
_exptl_crystal.density_meas_temp           ? 
_exptl_crystal.density_meas_temp_esd       ? 
_exptl_crystal.density_meas_temp_gt        ? 
_exptl_crystal.density_meas_temp_lt        ? 
_exptl_crystal.pdbx_crystal_image_url      ? 
_exptl_crystal.pdbx_crystal_image_format   ? 
_exptl_crystal.pdbx_mosaicity              ? 
_exptl_crystal.pdbx_mosaicity_esd          ? 
# 
_exptl_crystal_grow.apparatus       ? 
_exptl_crystal_grow.atmosphere      ? 
_exptl_crystal_grow.crystal_id      1 
_exptl_crystal_grow.details         ? 
_exptl_crystal_grow.method          'VAPOR DIFFUSION, HANGING DROP' 
_exptl_crystal_grow.method_ref      ? 
_exptl_crystal_grow.pH              ? 
_exptl_crystal_grow.pressure        ? 
_exptl_crystal_grow.pressure_esd    ? 
_exptl_crystal_grow.seeding         ? 
_exptl_crystal_grow.seeding_ref     ? 
_exptl_crystal_grow.temp            295.15 
_exptl_crystal_grow.temp_details    ? 
_exptl_crystal_grow.temp_esd        ? 
_exptl_crystal_grow.time            ? 
_exptl_crystal_grow.pdbx_details    
;1,6-hexanediol, 1-butanol, 1,2-propanediol, 2-propanol, 1,4-butanediol, 1,3-Propanediol, Tris-BICINE (pH 8.5), MPD, PEG 1000, PEG 3350
;
_exptl_crystal_grow.pdbx_pH_range   ? 
# 
_diffrn.ambient_environment              ? 
_diffrn.ambient_temp                     100 
_diffrn.ambient_temp_details             ? 
_diffrn.ambient_temp_esd                 ? 
_diffrn.crystal_id                       1 
_diffrn.crystal_support                  ? 
_diffrn.crystal_treatment                ? 
_diffrn.details                          ? 
_diffrn.id                               1 
_diffrn.ambient_pressure                 ? 
_diffrn.ambient_pressure_esd             ? 
_diffrn.ambient_pressure_gt              ? 
_diffrn.ambient_pressure_lt              ? 
_diffrn.ambient_temp_gt                  ? 
_diffrn.ambient_temp_lt                  ? 
_diffrn.pdbx_serial_crystal_experiment   N 
# 
_diffrn_detector.details                      ? 
_diffrn_detector.detector                     PIXEL 
_diffrn_detector.diffrn_id                    1 
_diffrn_detector.type                         'DECTRIS EIGER X 16M' 
_diffrn_detector.area_resol_mean              ? 
_diffrn_detector.dtime                        ? 
_diffrn_detector.pdbx_frames_total            ? 
_diffrn_detector.pdbx_collection_time_total   ? 
_diffrn_detector.pdbx_collection_date         2021-02-12 
_diffrn_detector.pdbx_frequency               ? 
# 
_diffrn_radiation.collimation                      ? 
_diffrn_radiation.diffrn_id                        1 
_diffrn_radiation.filter_edge                      ? 
_diffrn_radiation.inhomogeneity                    ? 
_diffrn_radiation.monochromator                    ? 
_diffrn_radiation.polarisn_norm                    ? 
_diffrn_radiation.polarisn_ratio                   ? 
_diffrn_radiation.probe                            ? 
_diffrn_radiation.type                             ? 
_diffrn_radiation.xray_symbol                      ? 
_diffrn_radiation.wavelength_id                    1 
_diffrn_radiation.pdbx_monochromatic_or_laue_m_l   M 
_diffrn_radiation.pdbx_wavelength_list             ? 
_diffrn_radiation.pdbx_wavelength                  ? 
_diffrn_radiation.pdbx_diffrn_protocol             'SINGLE WAVELENGTH' 
_diffrn_radiation.pdbx_analyzer                    ? 
_diffrn_radiation.pdbx_scattering_type             x-ray 
# 
_diffrn_radiation_wavelength.id           1 
_diffrn_radiation_wavelength.wavelength   0.979180 
_diffrn_radiation_wavelength.wt           1.0 
# 
_diffrn_source.current                     ? 
_diffrn_source.details                     ? 
_diffrn_source.diffrn_id                   1 
_diffrn_source.power                       ? 
_diffrn_source.size                        ? 
_diffrn_source.source                      SYNCHROTRON 
_diffrn_source.target                      ? 
_diffrn_source.type                        'APS BEAMLINE 24-ID-E' 
_diffrn_source.voltage                     ? 
_diffrn_source.take-off_angle              ? 
_diffrn_source.pdbx_wavelength_list        0.979180 
_diffrn_source.pdbx_wavelength             ? 
_diffrn_source.pdbx_synchrotron_beamline   24-ID-E 
_diffrn_source.pdbx_synchrotron_site       APS 
# 
_reflns.B_iso_Wilson_estimate                          ? 
_reflns.entry_id                                       7N1K 
_reflns.data_reduction_details                         ? 
_reflns.data_reduction_method                          ? 
_reflns.d_resolution_high                              3.01 
_reflns.d_resolution_low                               50.0 
_reflns.details                                        ? 
_reflns.limit_h_max                                    ? 
_reflns.limit_h_min                                    ? 
_reflns.limit_k_max                                    ? 
_reflns.limit_k_min                                    ? 
_reflns.limit_l_max                                    ? 
_reflns.limit_l_min                                    ? 
_reflns.number_all                                     ? 
_reflns.number_obs                                     1644 
_reflns.observed_criterion                             ? 
_reflns.observed_criterion_F_max                       ? 
_reflns.observed_criterion_F_min                       ? 
_reflns.observed_criterion_I_max                       ? 
_reflns.observed_criterion_I_min                       ? 
_reflns.observed_criterion_sigma_F                     ? 
_reflns.observed_criterion_sigma_I                     ? 
_reflns.percent_possible_obs                           93.8 
_reflns.R_free_details                                 ? 
_reflns.Rmerge_F_all                                   ? 
_reflns.Rmerge_F_obs                                   ? 
_reflns.Friedel_coverage                               ? 
_reflns.number_gt                                      ? 
_reflns.threshold_expression                           ? 
_reflns.pdbx_redundancy                                5.5 
_reflns.pdbx_Rmerge_I_obs                              ? 
_reflns.pdbx_Rmerge_I_all                              ? 
_reflns.pdbx_Rsym_value                                ? 
_reflns.pdbx_netI_over_av_sigmaI                       ? 
_reflns.pdbx_netI_over_sigmaI                          17.85 
_reflns.pdbx_res_netI_over_av_sigmaI_2                 ? 
_reflns.pdbx_res_netI_over_sigmaI_2                    ? 
_reflns.pdbx_chi_squared                               ? 
_reflns.pdbx_scaling_rejects                           ? 
_reflns.pdbx_d_res_high_opt                            ? 
_reflns.pdbx_d_res_low_opt                             ? 
_reflns.pdbx_d_res_opt_method                          ? 
_reflns.phase_calculation_details                      ? 
_reflns.pdbx_Rrim_I_all                                ? 
_reflns.pdbx_Rpim_I_all                                ? 
_reflns.pdbx_d_opt                                     ? 
_reflns.pdbx_number_measured_all                       ? 
_reflns.pdbx_diffrn_id                                 1 
_reflns.pdbx_ordinal                                   1 
_reflns.pdbx_CC_half                                   0.999 
_reflns.pdbx_CC_star                                   ? 
_reflns.pdbx_R_split                                   ? 
_reflns.pdbx_aniso_diffraction_limit_axis_1_ortho[1]   ? 
_reflns.pdbx_aniso_diffraction_limit_axis_1_ortho[2]   ? 
_reflns.pdbx_aniso_diffraction_limit_axis_1_ortho[3]   ? 
_reflns.pdbx_aniso_diffraction_limit_axis_2_ortho[1]   ? 
_reflns.pdbx_aniso_diffraction_limit_axis_2_ortho[2]   ? 
_reflns.pdbx_aniso_diffraction_limit_axis_2_ortho[3]   ? 
_reflns.pdbx_aniso_diffraction_limit_axis_3_ortho[1]   ? 
_reflns.pdbx_aniso_diffraction_limit_axis_3_ortho[2]   ? 
_reflns.pdbx_aniso_diffraction_limit_axis_3_ortho[3]   ? 
_reflns.pdbx_aniso_diffraction_limit_1                 ? 
_reflns.pdbx_aniso_diffraction_limit_2                 ? 
_reflns.pdbx_aniso_diffraction_limit_3                 ? 
_reflns.pdbx_aniso_B_tensor_eigenvector_1_ortho[1]     ? 
_reflns.pdbx_aniso_B_tensor_eigenvector_1_ortho[2]     ? 
_reflns.pdbx_aniso_B_tensor_eigenvector_1_ortho[3]     ? 
_reflns.pdbx_aniso_B_tensor_eigenvector_2_ortho[1]     ? 
_reflns.pdbx_aniso_B_tensor_eigenvector_2_ortho[2]     ? 
_reflns.pdbx_aniso_B_tensor_eigenvector_2_ortho[3]     ? 
_reflns.pdbx_aniso_B_tensor_eigenvector_3_ortho[1]     ? 
_reflns.pdbx_aniso_B_tensor_eigenvector_3_ortho[2]     ? 
_reflns.pdbx_aniso_B_tensor_eigenvector_3_ortho[3]     ? 
_reflns.pdbx_aniso_B_tensor_eigenvalue_1               ? 
_reflns.pdbx_aniso_B_tensor_eigenvalue_2               ? 
_reflns.pdbx_aniso_B_tensor_eigenvalue_3               ? 
_reflns.pdbx_orthogonalization_convention              ? 
_reflns.pdbx_percent_possible_ellipsoidal              ? 
_reflns.pdbx_percent_possible_spherical                ? 
_reflns.pdbx_percent_possible_ellipsoidal_anomalous    ? 
_reflns.pdbx_percent_possible_spherical_anomalous      ? 
_reflns.pdbx_redundancy_anomalous                      ? 
_reflns.pdbx_CC_half_anomalous                         ? 
_reflns.pdbx_absDiff_over_sigma_anomalous              ? 
_reflns.pdbx_percent_possible_anomalous                ? 
_reflns.pdbx_observed_signal_threshold                 ? 
_reflns.pdbx_signal_type                               ? 
_reflns.pdbx_signal_details                            ? 
_reflns.pdbx_signal_software_id                        ? 
# 
_reflns_shell.d_res_high                                    3.01 
_reflns_shell.d_res_low                                     3.19 
_reflns_shell.meanI_over_sigI_all                           ? 
_reflns_shell.meanI_over_sigI_obs                           ? 
_reflns_shell.number_measured_all                           ? 
_reflns_shell.number_measured_obs                           ? 
_reflns_shell.number_possible                               ? 
_reflns_shell.number_unique_all                             ? 
_reflns_shell.number_unique_obs                             247 
_reflns_shell.percent_possible_all                          ? 
_reflns_shell.percent_possible_obs                          ? 
_reflns_shell.Rmerge_F_all                                  ? 
_reflns_shell.Rmerge_F_obs                                  ? 
_reflns_shell.Rmerge_I_all                                  ? 
_reflns_shell.Rmerge_I_obs                                  ? 
_reflns_shell.meanI_over_sigI_gt                            ? 
_reflns_shell.meanI_over_uI_all                             ? 
_reflns_shell.meanI_over_uI_gt                              ? 
_reflns_shell.number_measured_gt                            ? 
_reflns_shell.number_unique_gt                              ? 
_reflns_shell.percent_possible_gt                           ? 
_reflns_shell.Rmerge_F_gt                                   ? 
_reflns_shell.Rmerge_I_gt                                   ? 
_reflns_shell.pdbx_redundancy                               ? 
_reflns_shell.pdbx_Rsym_value                               ? 
_reflns_shell.pdbx_chi_squared                              ? 
_reflns_shell.pdbx_netI_over_sigmaI_all                     ? 
_reflns_shell.pdbx_netI_over_sigmaI_obs                     ? 
_reflns_shell.pdbx_Rrim_I_all                               ? 
_reflns_shell.pdbx_Rpim_I_all                               ? 
_reflns_shell.pdbx_rejects                                  ? 
_reflns_shell.pdbx_ordinal                                  1 
_reflns_shell.pdbx_diffrn_id                                1 
_reflns_shell.pdbx_CC_half                                  0.990 
_reflns_shell.pdbx_CC_star                                  ? 
_reflns_shell.pdbx_R_split                                  ? 
_reflns_shell.pdbx_percent_possible_ellipsoidal             ? 
_reflns_shell.pdbx_percent_possible_spherical               ? 
_reflns_shell.pdbx_percent_possible_ellipsoidal_anomalous   ? 
_reflns_shell.pdbx_percent_possible_spherical_anomalous     ? 
_reflns_shell.pdbx_redundancy_anomalous                     ? 
_reflns_shell.pdbx_CC_half_anomalous                        ? 
_reflns_shell.pdbx_absDiff_over_sigma_anomalous             ? 
_reflns_shell.pdbx_percent_possible_anomalous               ? 
# 
_refine.aniso_B[1][1]                            ? 
_refine.aniso_B[1][2]                            ? 
_refine.aniso_B[1][3]                            ? 
_refine.aniso_B[2][2]                            ? 
_refine.aniso_B[2][3]                            ? 
_refine.aniso_B[3][3]                            ? 
_refine.B_iso_max                                ? 
_refine.B_iso_mean                               64.05 
_refine.B_iso_min                                ? 
_refine.correlation_coeff_Fo_to_Fc               ? 
_refine.correlation_coeff_Fo_to_Fc_free          ? 
_refine.details                                  ? 
_refine.diff_density_max                         ? 
_refine.diff_density_max_esd                     ? 
_refine.diff_density_min                         ? 
_refine.diff_density_min_esd                     ? 
_refine.diff_density_rms                         ? 
_refine.diff_density_rms_esd                     ? 
_refine.entry_id                                 7N1K 
_refine.pdbx_refine_id                           'X-RAY DIFFRACTION' 
_refine.ls_abs_structure_details                 ? 
_refine.ls_abs_structure_Flack                   ? 
_refine.ls_abs_structure_Flack_esd               ? 
_refine.ls_abs_structure_Rogers                  ? 
_refine.ls_abs_structure_Rogers_esd              ? 
_refine.ls_d_res_high                            3.01 
_refine.ls_d_res_low                             42.48 
_refine.ls_extinction_coef                       ? 
_refine.ls_extinction_coef_esd                   ? 
_refine.ls_extinction_expression                 ? 
_refine.ls_extinction_method                     ? 
_refine.ls_goodness_of_fit_all                   ? 
_refine.ls_goodness_of_fit_all_esd               ? 
_refine.ls_goodness_of_fit_obs                   ? 
_refine.ls_goodness_of_fit_obs_esd               ? 
_refine.ls_hydrogen_treatment                    ? 
_refine.ls_matrix_type                           ? 
_refine.ls_number_constraints                    ? 
_refine.ls_number_parameters                     ? 
_refine.ls_number_reflns_all                     ? 
_refine.ls_number_reflns_obs                     1619 
_refine.ls_number_reflns_R_free                  81 
_refine.ls_number_reflns_R_work                  1538 
_refine.ls_number_restraints                     ? 
_refine.ls_percent_reflns_obs                    93.42 
_refine.ls_percent_reflns_R_free                 5.00 
_refine.ls_R_factor_all                          ? 
_refine.ls_R_factor_obs                          0.2724 
_refine.ls_R_factor_R_free                       0.2983 
_refine.ls_R_factor_R_free_error                 ? 
_refine.ls_R_factor_R_free_error_details         ? 
_refine.ls_R_factor_R_work                       0.2714 
_refine.ls_R_Fsqd_factor_obs                     ? 
_refine.ls_R_I_factor_obs                        ? 
_refine.ls_redundancy_reflns_all                 ? 
_refine.ls_redundancy_reflns_obs                 ? 
_refine.ls_restrained_S_all                      ? 
_refine.ls_restrained_S_obs                      ? 
_refine.ls_shift_over_esd_max                    ? 
_refine.ls_shift_over_esd_mean                   ? 
_refine.ls_structure_factor_coef                 ? 
_refine.ls_weighting_details                     ? 
_refine.ls_weighting_scheme                      ? 
_refine.ls_wR_factor_all                         ? 
_refine.ls_wR_factor_obs                         ? 
_refine.ls_wR_factor_R_free                      ? 
_refine.ls_wR_factor_R_work                      ? 
_refine.occupancy_max                            ? 
_refine.occupancy_min                            ? 
_refine.solvent_model_details                    'FLAT BULK SOLVENT MODEL' 
_refine.solvent_model_param_bsol                 ? 
_refine.solvent_model_param_ksol                 ? 
_refine.pdbx_R_complete                          ? 
_refine.ls_R_factor_gt                           ? 
_refine.ls_goodness_of_fit_gt                    ? 
_refine.ls_goodness_of_fit_ref                   ? 
_refine.ls_shift_over_su_max                     ? 
_refine.ls_shift_over_su_max_lt                  ? 
_refine.ls_shift_over_su_mean                    ? 
_refine.ls_shift_over_su_mean_lt                 ? 
_refine.pdbx_ls_sigma_I                          ? 
_refine.pdbx_ls_sigma_F                          1.42 
_refine.pdbx_ls_sigma_Fsqd                       ? 
_refine.pdbx_data_cutoff_high_absF               ? 
_refine.pdbx_data_cutoff_high_rms_absF           ? 
_refine.pdbx_data_cutoff_low_absF                ? 
_refine.pdbx_isotropic_thermal_model             ? 
_refine.pdbx_ls_cross_valid_method               'FREE R-VALUE' 
_refine.pdbx_method_to_determine_struct          'MOLECULAR REPLACEMENT' 
_refine.pdbx_starting_model                      'PREDICTED MODEL' 
_refine.pdbx_stereochemistry_target_values       'GeoStd + Monomer Library + CDL v1.2' 
_refine.pdbx_R_Free_selection_details            ? 
_refine.pdbx_stereochem_target_val_spec_case     ? 
_refine.pdbx_overall_ESU_R                       ? 
_refine.pdbx_overall_ESU_R_Free                  ? 
_refine.pdbx_solvent_vdw_probe_radii             1.1100 
_refine.pdbx_solvent_ion_probe_radii             ? 
_refine.pdbx_solvent_shrinkage_radii             0.9000 
_refine.pdbx_real_space_R                        ? 
_refine.pdbx_density_correlation                 ? 
_refine.pdbx_pd_number_of_powder_patterns        ? 
_refine.pdbx_pd_number_of_points                 ? 
_refine.pdbx_pd_meas_number_of_points            ? 
_refine.pdbx_pd_proc_ls_prof_R_factor            ? 
_refine.pdbx_pd_proc_ls_prof_wR_factor           ? 
_refine.pdbx_pd_Marquardt_correlation_coeff      ? 
_refine.pdbx_pd_Fsqrd_R_factor                   ? 
_refine.pdbx_pd_ls_matrix_band_width             ? 
_refine.pdbx_overall_phase_error                 24.1369 
_refine.pdbx_overall_SU_R_free_Cruickshank_DPI   ? 
_refine.pdbx_overall_SU_R_free_Blow_DPI          ? 
_refine.pdbx_overall_SU_R_Blow_DPI               ? 
_refine.pdbx_TLS_residual_ADP_flag               ? 
_refine.pdbx_diffrn_id                           1 
_refine.overall_SU_B                             ? 
_refine.overall_SU_ML                            0.0000 
_refine.overall_SU_R_Cruickshank_DPI             ? 
_refine.overall_SU_R_free                        ? 
_refine.overall_FOM_free_R_set                   ? 
_refine.overall_FOM_work_R_set                   ? 
_refine.pdbx_average_fsc_overall                 ? 
_refine.pdbx_average_fsc_work                    ? 
_refine.pdbx_average_fsc_free                    ? 
# 
_refine_hist.pdbx_refine_id                   'X-RAY DIFFRACTION' 
_refine_hist.cycle_id                         LAST 
_refine_hist.details                          ? 
_refine_hist.d_res_high                       3.01 
_refine_hist.d_res_low                        42.48 
_refine_hist.number_atoms_solvent             0 
_refine_hist.number_atoms_total               381 
_refine_hist.number_reflns_all                ? 
_refine_hist.number_reflns_obs                ? 
_refine_hist.number_reflns_R_free             ? 
_refine_hist.number_reflns_R_work             ? 
_refine_hist.R_factor_all                     ? 
_refine_hist.R_factor_obs                     ? 
_refine_hist.R_factor_R_free                  ? 
_refine_hist.R_factor_R_work                  ? 
_refine_hist.pdbx_number_residues_total       ? 
_refine_hist.pdbx_B_iso_mean_ligand           ? 
_refine_hist.pdbx_B_iso_mean_solvent          ? 
_refine_hist.pdbx_number_atoms_protein        381 
_refine_hist.pdbx_number_atoms_nucleic_acid   0 
_refine_hist.pdbx_number_atoms_ligand         0 
_refine_hist.pdbx_number_atoms_lipid          ? 
_refine_hist.pdbx_number_atoms_carb           ? 
_refine_hist.pdbx_pseudo_atom_details         ? 
# 
loop_
_refine_ls_restr.pdbx_refine_id 
_refine_ls_restr.criterion 
_refine_ls_restr.dev_ideal 
_refine_ls_restr.dev_ideal_target 
_refine_ls_restr.number 
_refine_ls_restr.rejects 
_refine_ls_restr.type 
_refine_ls_restr.weight 
_refine_ls_restr.pdbx_restraint_function 
'X-RAY DIFFRACTION' ? 0.0025 ? 385 ? f_bond_d           ? ? 
'X-RAY DIFFRACTION' ? 0.3688 ? 530 ? f_angle_d          ? ? 
'X-RAY DIFFRACTION' ? 0.0323 ? 73  ? f_chiral_restr     ? ? 
'X-RAY DIFFRACTION' ? 0.0053 ? 66  ? f_plane_restr      ? ? 
'X-RAY DIFFRACTION' ? 2.9056 ? 62  ? f_dihedral_angle_d ? ? 
# 
_refine_ls_shell.pdbx_refine_id                   'X-RAY DIFFRACTION' 
_refine_ls_shell.d_res_high                       3.01 
_refine_ls_shell.d_res_low                        42.48 
_refine_ls_shell.number_reflns_all                ? 
_refine_ls_shell.number_reflns_obs                ? 
_refine_ls_shell.number_reflns_R_free             81 
_refine_ls_shell.number_reflns_R_work             1538 
_refine_ls_shell.percent_reflns_obs               93.42 
_refine_ls_shell.percent_reflns_R_free            ? 
_refine_ls_shell.R_factor_all                     ? 
_refine_ls_shell.R_factor_obs                     ? 
_refine_ls_shell.R_factor_R_free                  0.2983 
_refine_ls_shell.R_factor_R_free_error            ? 
_refine_ls_shell.R_factor_R_work                  0.2714 
_refine_ls_shell.redundancy_reflns_all            ? 
_refine_ls_shell.redundancy_reflns_obs            ? 
_refine_ls_shell.wR_factor_all                    ? 
_refine_ls_shell.wR_factor_obs                    ? 
_refine_ls_shell.wR_factor_R_free                 ? 
_refine_ls_shell.wR_factor_R_work                 ? 
_refine_ls_shell.pdbx_R_complete                  ? 
_refine_ls_shell.pdbx_total_number_of_bins_used   ? 
_refine_ls_shell.pdbx_phase_error                 ? 
_refine_ls_shell.pdbx_fsc_work                    ? 
_refine_ls_shell.pdbx_fsc_free                    ? 
# 
_struct.entry_id                     7N1K 
_struct.title                        'Crystal structure of a de novo-designed mini-protein targeting FGFR' 
_struct.pdbx_model_details           ? 
_struct.pdbx_formula_weight          ? 
_struct.pdbx_formula_weight_method   ? 
_struct.pdbx_model_type_details      ? 
_struct.pdbx_CASP_flag               N 
# 
_struct_keywords.entry_id        7N1K 
_struct_keywords.text            'Binder, DE NOVO PROTEIN' 
_struct_keywords.pdbx_keywords   'DE NOVO PROTEIN' 
# 
_struct_asym.id                            A 
_struct_asym.pdbx_blank_PDB_chainid_flag   N 
_struct_asym.pdbx_modified                 N 
_struct_asym.entity_id                     1 
_struct_asym.details                       ? 
# 
_struct_ref.id                         1 
_struct_ref.db_name                    PDB 
_struct_ref.db_code                    7N1K 
_struct_ref.pdbx_db_accession          7N1K 
_struct_ref.pdbx_db_isoform            ? 
_struct_ref.entity_id                  1 
_struct_ref.pdbx_seq_one_letter_code   ? 
_struct_ref.pdbx_align_begin           1 
# 
_struct_ref_seq.align_id                      1 
_struct_ref_seq.ref_id                        1 
_struct_ref_seq.pdbx_PDB_id_code              7N1K 
_struct_ref_seq.pdbx_strand_id                A 
_struct_ref_seq.seq_align_beg                 1 
_struct_ref_seq.pdbx_seq_align_beg_ins_code   ? 
_struct_ref_seq.seq_align_end                 64 
_struct_ref_seq.pdbx_seq_align_end_ins_code   ? 
_struct_ref_seq.pdbx_db_accession             7N1K 
_struct_ref_seq.db_align_beg                  -2 
_struct_ref_seq.pdbx_db_align_beg_ins_code    ? 
_struct_ref_seq.db_align_end                  61 
_struct_ref_seq.pdbx_db_align_end_ins_code    ? 
_struct_ref_seq.pdbx_auth_seq_align_beg       -2 
_struct_ref_seq.pdbx_auth_seq_align_end       61 
# 
_pdbx_struct_assembly.id                   1 
_pdbx_struct_assembly.details              author_defined_assembly 
_pdbx_struct_assembly.method_details       ? 
_pdbx_struct_assembly.oligomeric_details   monomeric 
_pdbx_struct_assembly.oligomeric_count     1 
# 
_pdbx_struct_assembly_gen.assembly_id       1 
_pdbx_struct_assembly_gen.oper_expression   1 
_pdbx_struct_assembly_gen.asym_id_list      A 
# 
_pdbx_struct_assembly_auth_evidence.id                     1 
_pdbx_struct_assembly_auth_evidence.assembly_id            1 
_pdbx_struct_assembly_auth_evidence.experimental_support   none 
_pdbx_struct_assembly_auth_evidence.details                ? 
# 
_pdbx_struct_oper_list.id                   1 
_pdbx_struct_oper_list.type                 'identity operation' 
_pdbx_struct_oper_list.name                 1_555 
_pdbx_struct_oper_list.symmetry_operation   x,y,z 
_pdbx_struct_oper_list.matrix[1][1]         1.0000000000 
_pdbx_struct_oper_list.matrix[1][2]         0.0000000000 
_pdbx_struct_oper_list.matrix[1][3]         0.0000000000 
_pdbx_struct_oper_list.vector[1]            0.0000000000 
_pdbx_struct_oper_list.matrix[2][1]         0.0000000000 
_pdbx_struct_oper_list.matrix[2][2]         1.0000000000 
_pdbx_struct_oper_list.matrix[2][3]         0.0000000000 
_pdbx_struct_oper_list.vector[2]            0.0000000000 
_pdbx_struct_oper_list.matrix[3][1]         0.0000000000 
_pdbx_struct_oper_list.matrix[3][2]         0.0000000000 
_pdbx_struct_oper_list.matrix[3][3]         1.0000000000 
_pdbx_struct_oper_list.vector[3]            0.0000000000 
# 
loop_
_struct_conf.conf_type_id 
_struct_conf.id 
_struct_conf.pdbx_PDB_helix_id 
_struct_conf.beg_label_comp_id 
_struct_conf.beg_label_asym_id 
_struct_conf.beg_label_seq_id 
_struct_conf.pdbx_beg_PDB_ins_code 
_struct_conf.end_label_comp_id 
_struct_conf.end_label_asym_id 
_struct_conf.end_label_seq_id 
_struct_conf.pdbx_end_PDB_ins_code 
_struct_conf.beg_auth_comp_id 
_struct_conf.beg_auth_asym_id 
_struct_conf.beg_auth_seq_id 
_struct_conf.end_auth_comp_id 
_struct_conf.end_auth_asym_id 
_struct_conf.end_auth_seq_id 
_struct_conf.pdbx_PDB_helix_class 
_struct_conf.details 
_struct_conf.pdbx_PDB_helix_length 
HELX_P HELX_P1 AA1 ASP A 4  ? SER A 22 ? ASP A 1  SER A 19 1 ? 19 
HELX_P HELX_P2 AA2 ASP A 25 ? ALA A 44 ? ASP A 22 ALA A 41 1 ? 20 
HELX_P HELX_P3 AA3 ASP A 46 ? THR A 62 ? ASP A 43 THR A 59 1 ? 17 
# 
_struct_conf_type.id          HELX_P 
_struct_conf_type.criteria    ? 
_struct_conf_type.reference   ? 
# 
loop_
_space_group_symop.id 
_space_group_symop.operation_xyz 
1 x,y,z        
2 -y,x,z+3/4   
3 y,-x,z+1/4   
4 x,-y,-z+1/2  
5 -x,y,-z      
6 -x,-y,z+1/2  
7 y,x,-z+1/4   
8 -y,-x,-z+3/4 
# 
_pdbx_entry_details.entry_id                 7N1K 
_pdbx_entry_details.nonpolymer_details       ? 
_pdbx_entry_details.sequence_details         ? 
_pdbx_entry_details.compound_details         ? 
_pdbx_entry_details.source_details           ? 
_pdbx_entry_details.has_ligand_of_interest   N 
# 
loop_
_pdbx_unobs_or_zero_occ_residues.id 
_pdbx_unobs_or_zero_occ_residues.PDB_model_num 
_pdbx_unobs_or_zero_occ_residues.polymer_flag 
_pdbx_unobs_or_zero_occ_residues.occupancy_flag 
_pdbx_unobs_or_zero_occ_residues.auth_asym_id 
_pdbx_unobs_or_zero_occ_residues.auth_comp_id 
_pdbx_unobs_or_zero_occ_residues.auth_seq_id 
_pdbx_unobs_or_zero_occ_residues.PDB_ins_code 
_pdbx_unobs_or_zero_occ_residues.label_asym_id 
_pdbx_unobs_or_zero_occ_residues.label_comp_id 
_pdbx_unobs_or_zero_occ_residues.label_seq_id 
1 1 Y 1 A GLY -2 ? A GLY 1  
2 1 Y 1 A GLY -1 ? A GLY 2  
3 1 Y 1 A GLY 0  ? A GLY 3  
4 1 Y 1 A GLY 61 ? A GLY 64 
# 
loop_
_chem_comp_atom.comp_id 
_chem_comp_atom.atom_id 
_chem_comp_atom.type_symbol 
_chem_comp_atom.pdbx_aromatic_flag 
_chem_comp_atom.pdbx_stereo_config 
_chem_comp_atom.pdbx_ordinal 
ALA N    N N N 1   
ALA CA   C N S 2   
ALA C    C N N 3   
ALA O    O N N 4   
ALA CB   C N N 5   
ALA OXT  O N N 6   
ALA H    H N N 7   
ALA H2   H N N 8   
ALA HA   H N N 9   
ALA HB1  H N N 10  
ALA HB2  H N N 11  
ALA HB3  H N N 12  
ALA HXT  H N N 13  
ARG N    N N N 14  
ARG CA   C N S 15  
ARG C    C N N 16  
ARG O    O N N 17  
ARG CB   C N N 18  
ARG CG   C N N 19  
ARG CD   C N N 20  
ARG NE   N N N 21  
ARG CZ   C N N 22  
ARG NH1  N N N 23  
ARG NH2  N N N 24  
ARG OXT  O N N 25  
ARG H    H N N 26  
ARG H2   H N N 27  
ARG HA   H N N 28  
ARG HB2  H N N 29  
ARG HB3  H N N 30  
ARG HG2  H N N 31  
ARG HG3  H N N 32  
ARG HD2  H N N 33  
ARG HD3  H N N 34  
ARG HE   H N N 35  
ARG HH11 H N N 36  
ARG HH12 H N N 37  
ARG HH21 H N N 38  
ARG HH22 H N N 39  
ARG HXT  H N N 40  
ASP N    N N N 41  
ASP CA   C N S 42  
ASP C    C N N 43  
ASP O    O N N 44  
ASP CB   C N N 45  
ASP CG   C N N 46  
ASP OD1  O N N 47  
ASP OD2  O N N 48  
ASP OXT  O N N 49  
ASP H    H N N 50  
ASP H2   H N N 51  
ASP HA   H N N 52  
ASP HB2  H N N 53  
ASP HB3  H N N 54  
ASP HD2  H N N 55  
ASP HXT  H N N 56  
GLN N    N N N 57  
GLN CA   C N S 58  
GLN C    C N N 59  
GLN O    O N N 60  
GLN CB   C N N 61  
GLN CG   C N N 62  
GLN CD   C N N 63  
GLN OE1  O N N 64  
GLN NE2  N N N 65  
GLN OXT  O N N 66  
GLN H    H N N 67  
GLN H2   H N N 68  
GLN HA   H N N 69  
GLN HB2  H N N 70  
GLN HB3  H N N 71  
GLN HG2  H N N 72  
GLN HG3  H N N 73  
GLN HE21 H N N 74  
GLN HE22 H N N 75  
GLN HXT  H N N 76  
GLU N    N N N 77  
GLU CA   C N S 78  
GLU C    C N N 79  
GLU O    O N N 80  
GLU CB   C N N 81  
GLU CG   C N N 82  
GLU CD   C N N 83  
GLU OE1  O N N 84  
GLU OE2  O N N 85  
GLU OXT  O N N 86  
GLU H    H N N 87  
GLU H2   H N N 88  
GLU HA   H N N 89  
GLU HB2  H N N 90  
GLU HB3  H N N 91  
GLU HG2  H N N 92  
GLU HG3  H N N 93  
GLU HE2  H N N 94  
GLU HXT  H N N 95  
GLY N    N N N 96  
GLY CA   C N N 97  
GLY C    C N N 98  
GLY O    O N N 99  
GLY OXT  O N N 100 
GLY H    H N N 101 
GLY H2   H N N 102 
GLY HA2  H N N 103 
GLY HA3  H N N 104 
GLY HXT  H N N 105 
ILE N    N N N 106 
ILE CA   C N S 107 
ILE C    C N N 108 
ILE O    O N N 109 
ILE CB   C N S 110 
ILE CG1  C N N 111 
ILE CG2  C N N 112 
ILE CD1  C N N 113 
ILE OXT  O N N 114 
ILE H    H N N 115 
ILE H2   H N N 116 
ILE HA   H N N 117 
ILE HB   H N N 118 
ILE HG12 H N N 119 
ILE HG13 H N N 120 
ILE HG21 H N N 121 
ILE HG22 H N N 122 
ILE HG23 H N N 123 
ILE HD11 H N N 124 
ILE HD12 H N N 125 
ILE HD13 H N N 126 
ILE HXT  H N N 127 
LEU N    N N N 128 
LEU CA   C N S 129 
LEU C    C N N 130 
LEU O    O N N 131 
LEU CB   C N N 132 
LEU CG   C N N 133 
LEU CD1  C N N 134 
LEU CD2  C N N 135 
LEU OXT  O N N 136 
LEU H    H N N 137 
LEU H2   H N N 138 
LEU HA   H N N 139 
LEU HB2  H N N 140 
LEU HB3  H N N 141 
LEU HG   H N N 142 
LEU HD11 H N N 143 
LEU HD12 H N N 144 
LEU HD13 H N N 145 
LEU HD21 H N N 146 
LEU HD22 H N N 147 
LEU HD23 H N N 148 
LEU HXT  H N N 149 
LYS N    N N N 150 
LYS CA   C N S 151 
LYS C    C N N 152 
LYS O    O N N 153 
LYS CB   C N N 154 
LYS CG   C N N 155 
LYS CD   C N N 156 
LYS CE   C N N 157 
LYS NZ   N N N 158 
LYS OXT  O N N 159 
LYS H    H N N 160 
LYS H2   H N N 161 
LYS HA   H N N 162 
LYS HB2  H N N 163 
LYS HB3  H N N 164 
LYS HG2  H N N 165 
LYS HG3  H N N 166 
LYS HD2  H N N 167 
LYS HD3  H N N 168 
LYS HE2  H N N 169 
LYS HE3  H N N 170 
LYS HZ1  H N N 171 
LYS HZ2  H N N 172 
LYS HZ3  H N N 173 
LYS HXT  H N N 174 
MET N    N N N 175 
MET CA   C N S 176 
MET C    C N N 177 
MET O    O N N 178 
MET CB   C N N 179 
MET CG   C N N 180 
MET SD   S N N 181 
MET CE   C N N 182 
MET OXT  O N N 183 
MET H    H N N 184 
MET H2   H N N 185 
MET HA   H N N 186 
MET HB2  H N N 187 
MET HB3  H N N 188 
MET HG2  H N N 189 
MET HG3  H N N 190 
MET HE1  H N N 191 
MET HE2  H N N 192 
MET HE3  H N N 193 
MET HXT  H N N 194 
PHE N    N N N 195 
PHE CA   C N S 196 
PHE C    C N N 197 
PHE O    O N N 198 
PHE CB   C N N 199 
PHE CG   C Y N 200 
PHE CD1  C Y N 201 
PHE CD2  C Y N 202 
PHE CE1  C Y N 203 
PHE CE2  C Y N 204 
PHE CZ   C Y N 205 
PHE OXT  O N N 206 
PHE H    H N N 207 
PHE H2   H N N 208 
PHE HA   H N N 209 
PHE HB2  H N N 210 
PHE HB3  H N N 211 
PHE HD1  H N N 212 
PHE HD2  H N N 213 
PHE HE1  H N N 214 
PHE HE2  H N N 215 
PHE HZ   H N N 216 
PHE HXT  H N N 217 
PRO N    N N N 218 
PRO CA   C N S 219 
PRO C    C N N 220 
PRO O    O N N 221 
PRO CB   C N N 222 
PRO CG   C N N 223 
PRO CD   C N N 224 
PRO OXT  O N N 225 
PRO H    H N N 226 
PRO HA   H N N 227 
PRO HB2  H N N 228 
PRO HB3  H N N 229 
PRO HG2  H N N 230 
PRO HG3  H N N 231 
PRO HD2  H N N 232 
PRO HD3  H N N 233 
PRO HXT  H N N 234 
SER N    N N N 235 
SER CA   C N S 236 
SER C    C N N 237 
SER O    O N N 238 
SER CB   C N N 239 
SER OG   O N N 240 
SER OXT  O N N 241 
SER H    H N N 242 
SER H2   H N N 243 
SER HA   H N N 244 
SER HB2  H N N 245 
SER HB3  H N N 246 
SER HG   H N N 247 
SER HXT  H N N 248 
THR N    N N N 249 
THR CA   C N S 250 
THR C    C N N 251 
THR O    O N N 252 
THR CB   C N R 253 
THR OG1  O N N 254 
THR CG2  C N N 255 
THR OXT  O N N 256 
THR H    H N N 257 
THR H2   H N N 258 
THR HA   H N N 259 
THR HB   H N N 260 
THR HG1  H N N 261 
THR HG21 H N N 262 
THR HG22 H N N 263 
THR HG23 H N N 264 
THR HXT  H N N 265 
TYR N    N N N 266 
TYR CA   C N S 267 
TYR C    C N N 268 
TYR O    O N N 269 
TYR CB   C N N 270 
TYR CG   C Y N 271 
TYR CD1  C Y N 272 
TYR CD2  C Y N 273 
TYR CE1  C Y N 274 
TYR CE2  C Y N 275 
TYR CZ   C Y N 276 
TYR OH   O N N 277 
TYR OXT  O N N 278 
TYR H    H N N 279 
TYR H2   H N N 280 
TYR HA   H N N 281 
TYR HB2  H N N 282 
TYR HB3  H N N 283 
TYR HD1  H N N 284 
TYR HD2  H N N 285 
TYR HE1  H N N 286 
TYR HE2  H N N 287 
TYR HH   H N N 288 
TYR HXT  H N N 289 
VAL N    N N N 290 
VAL CA   C N S 291 
VAL C    C N N 292 
VAL O    O N N 293 
VAL CB   C N N 294 
VAL CG1  C N N 295 
VAL CG2  C N N 296 
VAL OXT  O N N 297 
VAL H    H N N 298 
VAL H2   H N N 299 
VAL HA   H N N 300 
VAL HB   H N N 301 
VAL HG11 H N N 302 
VAL HG12 H N N 303 
VAL HG13 H N N 304 
VAL HG21 H N N 305 
VAL HG22 H N N 306 
VAL HG23 H N N 307 
VAL HXT  H N N 308 
# 
loop_
_chem_comp_bond.comp_id 
_chem_comp_bond.atom_id_1 
_chem_comp_bond.atom_id_2 
_chem_comp_bond.value_order 
_chem_comp_bond.pdbx_aromatic_flag 
_chem_comp_bond.pdbx_stereo_config 
_chem_comp_bond.pdbx_ordinal 
ALA N   CA   sing N N 1   
ALA N   H    sing N N 2   
ALA N   H2   sing N N 3   
ALA CA  C    sing N N 4   
ALA CA  CB   sing N N 5   
ALA CA  HA   sing N N 6   
ALA C   O    doub N N 7   
ALA C   OXT  sing N N 8   
ALA CB  HB1  sing N N 9   
ALA CB  HB2  sing N N 10  
ALA CB  HB3  sing N N 11  
ALA OXT HXT  sing N N 12  
ARG N   CA   sing N N 13  
ARG N   H    sing N N 14  
ARG N   H2   sing N N 15  
ARG CA  C    sing N N 16  
ARG CA  CB   sing N N 17  
ARG CA  HA   sing N N 18  
ARG C   O    doub N N 19  
ARG C   OXT  sing N N 20  
ARG CB  CG   sing N N 21  
ARG CB  HB2  sing N N 22  
ARG CB  HB3  sing N N 23  
ARG CG  CD   sing N N 24  
ARG CG  HG2  sing N N 25  
ARG CG  HG3  sing N N 26  
ARG CD  NE   sing N N 27  
ARG CD  HD2  sing N N 28  
ARG CD  HD3  sing N N 29  
ARG NE  CZ   sing N N 30  
ARG NE  HE   sing N N 31  
ARG CZ  NH1  sing N N 32  
ARG CZ  NH2  doub N N 33  
ARG NH1 HH11 sing N N 34  
ARG NH1 HH12 sing N N 35  
ARG NH2 HH21 sing N N 36  
ARG NH2 HH22 sing N N 37  
ARG OXT HXT  sing N N 38  
ASP N   CA   sing N N 39  
ASP N   H    sing N N 40  
ASP N   H2   sing N N 41  
ASP CA  C    sing N N 42  
ASP CA  CB   sing N N 43  
ASP CA  HA   sing N N 44  
ASP C   O    doub N N 45  
ASP C   OXT  sing N N 46  
ASP CB  CG   sing N N 47  
ASP CB  HB2  sing N N 48  
ASP CB  HB3  sing N N 49  
ASP CG  OD1  doub N N 50  
ASP CG  OD2  sing N N 51  
ASP OD2 HD2  sing N N 52  
ASP OXT HXT  sing N N 53  
GLN N   CA   sing N N 54  
GLN N   H    sing N N 55  
GLN N   H2   sing N N 56  
GLN CA  C    sing N N 57  
GLN CA  CB   sing N N 58  
GLN CA  HA   sing N N 59  
GLN C   O    doub N N 60  
GLN C   OXT  sing N N 61  
GLN CB  CG   sing N N 62  
GLN CB  HB2  sing N N 63  
GLN CB  HB3  sing N N 64  
GLN CG  CD   sing N N 65  
GLN CG  HG2  sing N N 66  
GLN CG  HG3  sing N N 67  
GLN CD  OE1  doub N N 68  
GLN CD  NE2  sing N N 69  
GLN NE2 HE21 sing N N 70  
GLN NE2 HE22 sing N N 71  
GLN OXT HXT  sing N N 72  
GLU N   CA   sing N N 73  
GLU N   H    sing N N 74  
GLU N   H2   sing N N 75  
GLU CA  C    sing N N 76  
GLU CA  CB   sing N N 77  
GLU CA  HA   sing N N 78  
GLU C   O    doub N N 79  
GLU C   OXT  sing N N 80  
GLU CB  CG   sing N N 81  
GLU CB  HB2  sing N N 82  
GLU CB  HB3  sing N N 83  
GLU CG  CD   sing N N 84  
GLU CG  HG2  sing N N 85  
GLU CG  HG3  sing N N 86  
GLU CD  OE1  doub N N 87  
GLU CD  OE2  sing N N 88  
GLU OE2 HE2  sing N N 89  
GLU OXT HXT  sing N N 90  
GLY N   CA   sing N N 91  
GLY N   H    sing N N 92  
GLY N   H2   sing N N 93  
GLY CA  C    sing N N 94  
GLY CA  HA2  sing N N 95  
GLY CA  HA3  sing N N 96  
GLY C   O    doub N N 97  
GLY C   OXT  sing N N 98  
GLY OXT HXT  sing N N 99  
ILE N   CA   sing N N 100 
ILE N   H    sing N N 101 
ILE N   H2   sing N N 102 
ILE CA  C    sing N N 103 
ILE CA  CB   sing N N 104 
ILE CA  HA   sing N N 105 
ILE C   O    doub N N 106 
ILE C   OXT  sing N N 107 
ILE CB  CG1  sing N N 108 
ILE CB  CG2  sing N N 109 
ILE CB  HB   sing N N 110 
ILE CG1 CD1  sing N N 111 
ILE CG1 HG12 sing N N 112 
ILE CG1 HG13 sing N N 113 
ILE CG2 HG21 sing N N 114 
ILE CG2 HG22 sing N N 115 
ILE CG2 HG23 sing N N 116 
ILE CD1 HD11 sing N N 117 
ILE CD1 HD12 sing N N 118 
ILE CD1 HD13 sing N N 119 
ILE OXT HXT  sing N N 120 
LEU N   CA   sing N N 121 
LEU N   H    sing N N 122 
LEU N   H2   sing N N 123 
LEU CA  C    sing N N 124 
LEU CA  CB   sing N N 125 
LEU CA  HA   sing N N 126 
LEU C   O    doub N N 127 
LEU C   OXT  sing N N 128 
LEU CB  CG   sing N N 129 
LEU CB  HB2  sing N N 130 
LEU CB  HB3  sing N N 131 
LEU CG  CD1  sing N N 132 
LEU CG  CD2  sing N N 133 
LEU CG  HG   sing N N 134 
LEU CD1 HD11 sing N N 135 
LEU CD1 HD12 sing N N 136 
LEU CD1 HD13 sing N N 137 
LEU CD2 HD21 sing N N 138 
LEU CD2 HD22 sing N N 139 
LEU CD2 HD23 sing N N 140 
LEU OXT HXT  sing N N 141 
LYS N   CA   sing N N 142 
LYS N   H    sing N N 143 
LYS N   H2   sing N N 144 
LYS CA  C    sing N N 145 
LYS CA  CB   sing N N 146 
LYS CA  HA   sing N N 147 
LYS C   O    doub N N 148 
LYS C   OXT  sing N N 149 
LYS CB  CG   sing N N 150 
LYS CB  HB2  sing N N 151 
LYS CB  HB3  sing N N 152 
LYS CG  CD   sing N N 153 
LYS CG  HG2  sing N N 154 
LYS CG  HG3  sing N N 155 
LYS CD  CE   sing N N 156 
LYS CD  HD2  sing N N 157 
LYS CD  HD3  sing N N 158 
LYS CE  NZ   sing N N 159 
LYS CE  HE2  sing N N 160 
LYS CE  HE3  sing N N 161 
LYS NZ  HZ1  sing N N 162 
LYS NZ  HZ2  sing N N 163 
LYS NZ  HZ3  sing N N 164 
LYS OXT HXT  sing N N 165 
MET N   CA   sing N N 166 
MET N   H    sing N N 167 
MET N   H2   sing N N 168 
MET CA  C    sing N N 169 
MET CA  CB   sing N N 170 
MET CA  HA   sing N N 171 
MET C   O    doub N N 172 
MET C   OXT  sing N N 173 
MET CB  CG   sing N N 174 
MET CB  HB2  sing N N 175 
MET CB  HB3  sing N N 176 
MET CG  SD   sing N N 177 
MET CG  HG2  sing N N 178 
MET CG  HG3  sing N N 179 
MET SD  CE   sing N N 180 
MET CE  HE1  sing N N 181 
MET CE  HE2  sing N N 182 
MET CE  HE3  sing N N 183 
MET OXT HXT  sing N N 184 
PHE N   CA   sing N N 185 
PHE N   H    sing N N 186 
PHE N   H2   sing N N 187 
PHE CA  C    sing N N 188 
PHE CA  CB   sing N N 189 
PHE CA  HA   sing N N 190 
PHE C   O    doub N N 191 
PHE C   OXT  sing N N 192 
PHE CB  CG   sing N N 193 
PHE CB  HB2  sing N N 194 
PHE CB  HB3  sing N N 195 
PHE CG  CD1  doub Y N 196 
PHE CG  CD2  sing Y N 197 
PHE CD1 CE1  sing Y N 198 
PHE CD1 HD1  sing N N 199 
PHE CD2 CE2  doub Y N 200 
PHE CD2 HD2  sing N N 201 
PHE CE1 CZ   doub Y N 202 
PHE CE1 HE1  sing N N 203 
PHE CE2 CZ   sing Y N 204 
PHE CE2 HE2  sing N N 205 
PHE CZ  HZ   sing N N 206 
PHE OXT HXT  sing N N 207 
PRO N   CA   sing N N 208 
PRO N   CD   sing N N 209 
PRO N   H    sing N N 210 
PRO CA  C    sing N N 211 
PRO CA  CB   sing N N 212 
PRO CA  HA   sing N N 213 
PRO C   O    doub N N 214 
PRO C   OXT  sing N N 215 
PRO CB  CG   sing N N 216 
PRO CB  HB2  sing N N 217 
PRO CB  HB3  sing N N 218 
PRO CG  CD   sing N N 219 
PRO CG  HG2  sing N N 220 
PRO CG  HG3  sing N N 221 
PRO CD  HD2  sing N N 222 
PRO CD  HD3  sing N N 223 
PRO OXT HXT  sing N N 224 
SER N   CA   sing N N 225 
SER N   H    sing N N 226 
SER N   H2   sing N N 227 
SER CA  C    sing N N 228 
SER CA  CB   sing N N 229 
SER CA  HA   sing N N 230 
SER C   O    doub N N 231 
SER C   OXT  sing N N 232 
SER CB  OG   sing N N 233 
SER CB  HB2  sing N N 234 
SER CB  HB3  sing N N 235 
SER OG  HG   sing N N 236 
SER OXT HXT  sing N N 237 
THR N   CA   sing N N 238 
THR N   H    sing N N 239 
THR N   H2   sing N N 240 
THR CA  C    sing N N 241 
THR CA  CB   sing N N 242 
THR CA  HA   sing N N 243 
THR C   O    doub N N 244 
THR C   OXT  sing N N 245 
THR CB  OG1  sing N N 246 
THR CB  CG2  sing N N 247 
THR CB  HB   sing N N 248 
THR OG1 HG1  sing N N 249 
THR CG2 HG21 sing N N 250 
THR CG2 HG22 sing N N 251 
THR CG2 HG23 sing N N 252 
THR OXT HXT  sing N N 253 
TYR N   CA   sing N N 254 
TYR N   H    sing N N 255 
TYR N   H2   sing N N 256 
TYR CA  C    sing N N 257 
TYR CA  CB   sing N N 258 
TYR CA  HA   sing N N 259 
TYR C   O    doub N N 260 
TYR C   OXT  sing N N 261 
TYR CB  CG   sing N N 262 
TYR CB  HB2  sing N N 263 
TYR CB  HB3  sing N N 264 
TYR CG  CD1  doub Y N 265 
TYR CG  CD2  sing Y N 266 
TYR CD1 CE1  sing Y N 267 
TYR CD1 HD1  sing N N 268 
TYR CD2 CE2  doub Y N 269 
TYR CD2 HD2  sing N N 270 
TYR CE1 CZ   doub Y N 271 
TYR CE1 HE1  sing N N 272 
TYR CE2 CZ   sing Y N 273 
TYR CE2 HE2  sing N N 274 
TYR CZ  OH   sing N N 275 
TYR OH  HH   sing N N 276 
TYR OXT HXT  sing N N 277 
VAL N   CA   sing N N 278 
VAL N   H    sing N N 279 
VAL N   H2   sing N N 280 
VAL CA  C    sing N N 281 
VAL CA  CB   sing N N 282 
VAL CA  HA   sing N N 283 
VAL C   O    doub N N 284 
VAL C   OXT  sing N N 285 
VAL CB  CG1  sing N N 286 
VAL CB  CG2  sing N N 287 
VAL CB  HB   sing N N 288 
VAL CG1 HG11 sing N N 289 
VAL CG1 HG12 sing N N 290 
VAL CG1 HG13 sing N N 291 
VAL CG2 HG21 sing N N 292 
VAL CG2 HG22 sing N N 293 
VAL CG2 HG23 sing N N 294 
VAL OXT HXT  sing N N 295 
# 
_pdbx_audit_support.funding_organization   'Not funded' 
_pdbx_audit_support.country                ? 
_pdbx_audit_support.grant_number           ? 
_pdbx_audit_support.ordinal                1 
# 
_pdbx_initial_refinement_model.accession_code   ? 
_pdbx_initial_refinement_model.id               1 
_pdbx_initial_refinement_model.entity_id_list   ? 
_pdbx_initial_refinement_model.type             'in silico model' 
_pdbx_initial_refinement_model.source_name      Other 
_pdbx_initial_refinement_model.details          'PREDICTED MODEL' 
# 
_space_group.name_H-M_alt     'P 43 2 2' 
_space_group.name_Hall        'P 4cw 2c' 
_space_group.IT_number        95 
_space_group.crystal_system   tetragonal 
_space_group.id               1 
# 
_atom_sites.entry_id                    7N1K 
_atom_sites.Cartn_transf_matrix[1][1]   ? 
_atom_sites.Cartn_transf_matrix[1][2]   ? 
_atom_sites.Cartn_transf_matrix[1][3]   ? 
_atom_sites.Cartn_transf_matrix[2][1]   ? 
_atom_sites.Cartn_transf_matrix[2][2]   ? 
_atom_sites.Cartn_transf_matrix[2][3]   ? 
_atom_sites.Cartn_transf_matrix[3][1]   ? 
_atom_sites.Cartn_transf_matrix[3][2]   ? 
_atom_sites.Cartn_transf_matrix[3][3]   ? 
_atom_sites.Cartn_transf_vector[1]      ? 
_atom_sites.Cartn_transf_vector[2]      ? 
_atom_sites.Cartn_transf_vector[3]      ? 
_atom_sites.fract_transf_matrix[1][1]   -0.00313654 
_atom_sites.fract_transf_matrix[1][2]   -0.01193876 
_atom_sites.fract_transf_matrix[1][3]   -0.02004277 
_atom_sites.fract_transf_matrix[2][1]   -0.01801536 
_atom_sites.fract_transf_matrix[2][2]   0.01408821 
_atom_sites.fract_transf_matrix[2][3]   -0.00557257 
_atom_sites.fract_transf_matrix[3][1]   0.00757317 
_atom_sites.fract_transf_matrix[3][2]   0.00745819 
_atom_sites.fract_transf_matrix[3][3]   -0.00562772 
_atom_sites.fract_transf_vector[1]      -0.368817 
_atom_sites.fract_transf_vector[2]      0.113244 
_atom_sites.fract_transf_vector[3]      0.098286 
_atom_sites.solution_primary            ? 
_atom_sites.solution_secondary          ? 
_atom_sites.solution_hydrogens          ? 
_atom_sites.special_details             ? 
# 
loop_
_atom_type.symbol 
_atom_type.scat_dispersion_real 
_atom_type.scat_dispersion_imag 
_atom_type.scat_Cromer_Mann_a1 
_atom_type.scat_Cromer_Mann_a2 
_atom_type.scat_Cromer_Mann_a3 
_atom_type.scat_Cromer_Mann_a4 
_atom_type.scat_Cromer_Mann_b1 
_atom_type.scat_Cromer_Mann_b2 
_atom_type.scat_Cromer_Mann_b3 
_atom_type.scat_Cromer_Mann_b4 
_atom_type.scat_Cromer_Mann_c 
_atom_type.scat_source 
_atom_type.scat_dispersion_source 
C ? ? 3.54356 2.42580 ? ? 25.62398 1.50364  ? ? 0.0 
;2-Gaussian fit: Grosse-Kunstleve RW, Sauter NK, Adams PD: Newsletter of the IUCr Commission on Crystallographic Computing 2004, 3, 22-31.
;
? 
N ? ? 4.01032 2.96436 ? ? 19.97189 1.75589  ? ? 0.0 
;2-Gaussian fit: Grosse-Kunstleve RW, Sauter NK, Adams PD: Newsletter of the IUCr Commission on Crystallographic Computing 2004, 3, 22-31.
;
? 
O ? ? 4.49882 3.47563 ? ? 15.80542 1.70748  ? ? 0.0 
;2-Gaussian fit: Grosse-Kunstleve RW, Sauter NK, Adams PD: Newsletter of the IUCr Commission on Crystallographic Computing 2004, 3, 22-31.
;
? 
S ? ? 9.55732 6.39887 ? ? 1.23737  29.19336 ? ? 0.0 
;2-Gaussian fit: Grosse-Kunstleve RW, Sauter NK, Adams PD: Newsletter of the IUCr Commission on Crystallographic Computing 2004, 3, 22-31.
;
? 
# 
loop_
_atom_site.group_PDB 
_atom_site.id 
_atom_site.type_symbol 
_atom_site.label_atom_id 
_atom_site.label_alt_id 
_atom_site.label_comp_id 
_atom_site.label_asym_id 
_atom_site.label_entity_id 
_atom_site.label_seq_id 
_atom_site.pdbx_PDB_ins_code 
_atom_site.Cartn_x 
_atom_site.Cartn_y 
_atom_site.Cartn_z 
_atom_site.occupancy 
_atom_site.B_iso_or_equiv 
_atom_site.pdbx_formal_charge 
_atom_site.auth_seq_id 
_atom_site.auth_comp_id 
_atom_site.auth_asym_id 
_atom_site.auth_atom_id 
_atom_site.pdbx_PDB_model_num 
ATOM 1   N N   . ASP A 1 4  ? 7.27345   -15.49264 1.13433  1.000 81.34093 ? 1  ASP A N   1 
ATOM 2   C CA  . ASP A 1 4  ? 8.25729   -14.49569 0.72868  1.000 72.61513 ? 1  ASP A CA  1 
ATOM 3   C C   . ASP A 1 4  ? 7.58344   -13.32616 0.02077  1.000 64.94628 ? 1  ASP A C   1 
ATOM 4   O O   . ASP A 1 4  ? 7.89031   -12.16721 0.29531  1.000 80.01577 ? 1  ASP A O   1 
ATOM 5   C CB  . ASP A 1 4  ? 9.31911   -15.12208 -0.17777 1.000 81.56387 ? 1  ASP A CB  1 
ATOM 6   N N   . ARG A 1 5  ? 6.66135   -13.63672 -0.89479 1.000 86.47938 ? 2  ARG A N   1 
ATOM 7   C CA  . ARG A 1 5  ? 5.92859   -12.58142 -1.58834 1.000 86.90046 ? 2  ARG A CA  1 
ATOM 8   C C   . ARG A 1 5  ? 5.05422   -11.78479 -0.63005 1.000 84.85275 ? 2  ARG A C   1 
ATOM 9   O O   . ARG A 1 5  ? 4.76397   -10.61083 -0.88734 1.000 85.84218 ? 2  ARG A O   1 
ATOM 10  C CB  . ARG A 1 5  ? 5.07577   -13.17490 -2.71034 1.000 72.87541 ? 2  ARG A CB  1 
ATOM 11  N N   . ARG A 1 6  ? 4.62708   -12.40068 0.47382  1.000 86.33707 ? 3  ARG A N   1 
ATOM 12  C CA  . ARG A 1 6  ? 3.82634   -11.68781 1.46041  1.000 87.94370 ? 3  ARG A CA  1 
ATOM 13  C C   . ARG A 1 6  ? 4.67294   -10.74725 2.30672  1.000 81.56521 ? 3  ARG A C   1 
ATOM 14  O O   . ARG A 1 6  ? 4.20313   -9.66845  2.68464  1.000 83.39299 ? 3  ARG A O   1 
ATOM 15  C CB  . ARG A 1 6  ? 3.08986   -12.68295 2.35846  1.000 82.25835 ? 3  ARG A CB  1 
ATOM 16  N N   . LYS A 1 7  ? 5.91342   -11.13334 2.61223  1.000 82.08239 ? 4  LYS A N   1 
ATOM 17  C CA  . LYS A 1 7  ? 6.77627   -10.27191 3.41362  1.000 82.35434 ? 4  LYS A CA  1 
ATOM 18  C C   . LYS A 1 7  ? 7.19041   -9.02872  2.63326  1.000 88.04278 ? 4  LYS A C   1 
ATOM 19  O O   . LYS A 1 7  ? 7.33589   -7.94477  3.21124  1.000 74.56467 ? 4  LYS A O   1 
ATOM 20  C CB  . LYS A 1 7  ? 8.00169   -11.05424 3.88800  1.000 56.57645 ? 4  LYS A CB  1 
ATOM 21  N N   . GLU A 1 8  ? 7.38334   -9.16224  1.31945  1.000 68.32142 ? 5  GLU A N   1 
ATOM 22  C CA  . GLU A 1 8  ? 7.63835   -7.98360  0.50021  1.000 75.44289 ? 5  GLU A CA  1 
ATOM 23  C C   . GLU A 1 8  ? 6.40653   -7.09029  0.43632  1.000 82.31395 ? 5  GLU A C   1 
ATOM 24  O O   . GLU A 1 8  ? 6.52426   -5.85945  0.41803  1.000 91.38236 ? 5  GLU A O   1 
ATOM 25  C CB  . GLU A 1 8  ? 8.08013   -8.39954  -0.90365 1.000 71.29186 ? 5  GLU A CB  1 
ATOM 26  N N   . MET A 1 9  ? 5.21433   -7.69193  0.40825  1.000 83.02777 ? 6  MET A N   1 
ATOM 27  C CA  . MET A 1 9  ? 3.98881   -6.90126  0.42457  1.000 81.33148 ? 6  MET A CA  1 
ATOM 28  C C   . MET A 1 9  ? 3.80541   -6.18326  1.75533  1.000 77.46837 ? 6  MET A C   1 
ATOM 29  O O   . MET A 1 9  ? 3.26148   -5.07359  1.78902  1.000 83.51482 ? 6  MET A O   1 
ATOM 30  C CB  . MET A 1 9  ? 2.78404   -7.79449  0.12967  1.000 81.70714 ? 6  MET A CB  1 
ATOM 31  C CG  . MET A 1 9  ? 2.54531   -8.05260  -1.34868 1.000 77.34261 ? 6  MET A CG  1 
ATOM 32  S SD  . MET A 1 9  ? 0.80928   -8.36234  -1.71927 1.000 89.62419 ? 6  MET A SD  1 
ATOM 33  C CE  . MET A 1 9  ? 0.46338   -9.71734  -0.60086 1.000 65.16254 ? 6  MET A CE  1 
ATOM 34  N N   . ASP A 1 10 ? 4.24786   -6.79436  2.85697  1.000 78.82878 ? 7  ASP A N   1 
ATOM 35  C CA  . ASP A 1 10 ? 4.18310   -6.11703  4.14662  1.000 64.08398 ? 7  ASP A CA  1 
ATOM 36  C C   . ASP A 1 10 ? 5.17338   -4.96309  4.21710  1.000 66.62039 ? 7  ASP A C   1 
ATOM 37  O O   . ASP A 1 10 ? 4.90404   -3.95673  4.88321  1.000 58.20066 ? 7  ASP A O   1 
ATOM 38  C CB  . ASP A 1 10 ? 4.43909   -7.11092  5.27933  1.000 71.35218 ? 7  ASP A CB  1 
ATOM 39  N N   . LYS A 1 11 ? 6.31586   -5.08633  3.53700  1.000 70.58508 ? 8  LYS A N   1 
ATOM 40  C CA  . LYS A 1 11 ? 7.27420   -3.98671  3.49344  1.000 70.77089 ? 8  LYS A CA  1 
ATOM 41  C C   . LYS A 1 11 ? 6.68003   -2.77482  2.78625  1.000 53.79307 ? 8  LYS A C   1 
ATOM 42  O O   . LYS A 1 11 ? 6.72327   -1.65512  3.30738  1.000 48.46300 ? 8  LYS A O   1 
ATOM 43  C CB  . LYS A 1 11 ? 8.56223   -4.43943  2.80294  1.000 63.48936 ? 8  LYS A CB  1 
ATOM 44  N N   . VAL A 1 12 ? 6.11237   -2.98493  1.59556  1.000 50.64730 ? 9  VAL A N   1 
ATOM 45  C CA  . VAL A 1 12 ? 5.49631   -1.89147  0.84698  1.000 49.10780 ? 9  VAL A CA  1 
ATOM 46  C C   . VAL A 1 12 ? 4.40147   -1.22308  1.67135  1.000 61.56441 ? 9  VAL A C   1 
ATOM 47  O O   . VAL A 1 12 ? 4.30945   0.00947   1.72581  1.000 62.18192 ? 9  VAL A O   1 
ATOM 48  C CB  . VAL A 1 12 ? 4.95602   -2.41116  -0.49855 1.000 45.19795 ? 9  VAL A CB  1 
ATOM 49  C CG1 . VAL A 1 12 ? 4.37942   -1.27357  -1.32411 1.000 45.43822 ? 9  VAL A CG1 1 
ATOM 50  C CG2 . VAL A 1 12 ? 6.05637   -3.11985  -1.26701 1.000 50.84852 ? 9  VAL A CG2 1 
ATOM 51  N N   . TYR A 1 13 ? 3.56623   -2.02342  2.33637  1.000 54.78602 ? 10 TYR A N   1 
ATOM 52  C CA  . TYR A 1 13 ? 2.47136   -1.47099  3.12856  1.000 50.36095 ? 10 TYR A CA  1 
ATOM 53  C C   . TYR A 1 13 ? 2.99581   -0.69687  4.33289  1.000 56.73298 ? 10 TYR A C   1 
ATOM 54  O O   . TYR A 1 13 ? 2.62708   0.46455   4.54486  1.000 60.84994 ? 10 TYR A O   1 
ATOM 55  C CB  . TYR A 1 13 ? 1.53739   -2.59936  3.56489  1.000 51.12592 ? 10 TYR A CB  1 
ATOM 56  C CG  . TYR A 1 13 ? 0.43725   -2.20436  4.52593  1.000 54.82230 ? 10 TYR A CG  1 
ATOM 57  C CD1 . TYR A 1 13 ? -0.66459  -1.47820  4.09325  1.000 52.03076 ? 10 TYR A CD1 1 
ATOM 58  C CD2 . TYR A 1 13 ? 0.48002   -2.59651  5.85798  1.000 58.09798 ? 10 TYR A CD2 1 
ATOM 59  C CE1 . TYR A 1 13 ? -1.68045  -1.13259  4.96733  1.000 55.35387 ? 10 TYR A CE1 1 
ATOM 60  C CE2 . TYR A 1 13 ? -0.53116  -2.25852  6.73733  1.000 55.38231 ? 10 TYR A CE2 1 
ATOM 61  C CZ  . TYR A 1 13 ? -1.60782  -1.52685  6.28759  1.000 57.55034 ? 10 TYR A CZ  1 
ATOM 62  O OH  . TYR A 1 13 ? -2.61512  -1.18974  7.16185  1.000 56.30455 ? 10 TYR A OH  1 
ATOM 63  N N   . ARG A 1 14 ? 3.86713   -1.32019  5.13014  1.000 53.63504 ? 11 ARG A N   1 
ATOM 64  C CA  . ARG A 1 14 ? 4.39050   -0.64631  6.31452  1.000 52.04451 ? 11 ARG A CA  1 
ATOM 65  C C   . ARG A 1 14 ? 5.23148   0.57328   5.94850  1.000 61.02873 ? 11 ARG A C   1 
ATOM 66  O O   . ARG A 1 14 ? 5.22714   1.56832   6.68144  1.000 65.18528 ? 11 ARG A O   1 
ATOM 67  C CB  . ARG A 1 14 ? 5.20411   -1.62743  7.16121  1.000 36.63019 ? 11 ARG A CB  1 
ATOM 68  N N   . THR A 1 15 ? 5.95540   0.52349   4.82567  1.000 52.54867 ? 12 THR A N   1 
ATOM 69  C CA  . THR A 1 15 ? 6.71710   1.69506   4.39753  1.000 63.06099 ? 12 THR A CA  1 
ATOM 70  C C   . THR A 1 15 ? 5.79298   2.81494   3.93483  1.000 56.56156 ? 12 THR A C   1 
ATOM 71  O O   . THR A 1 15 ? 6.00382   3.98280   4.28221  1.000 57.28008 ? 12 THR A O   1 
ATOM 72  C CB  . THR A 1 15 ? 7.70117   1.32488   3.28499  1.000 59.67964 ? 12 THR A CB  1 
ATOM 73  O OG1 . THR A 1 15 ? 8.62695   0.34041   3.76303  1.000 68.97563 ? 12 THR A OG1 1 
ATOM 74  C CG2 . THR A 1 15 ? 8.46908   2.54780   2.82832  1.000 54.43649 ? 12 THR A CG2 1 
ATOM 75  N N   . ALA A 1 16 ? 4.76744   2.47919   3.14684  1.000 60.41681 ? 13 ALA A N   1 
ATOM 76  C CA  . ALA A 1 16 ? 3.78933   3.48221   2.73798  1.000 57.27464 ? 13 ALA A CA  1 
ATOM 77  C C   . ALA A 1 16 ? 3.11052   4.10768   3.94806  1.000 56.42276 ? 13 ALA A C   1 
ATOM 78  O O   . ALA A 1 16 ? 2.90837   5.32652   3.99491  1.000 56.18640 ? 13 ALA A O   1 
ATOM 79  C CB  . ALA A 1 16 ? 2.75158   2.85656   1.80566  1.000 50.48549 ? 13 ALA A CB  1 
ATOM 80  N N   . PHE A 1 17 ? 2.76344   3.28409   4.94048  1.000 52.07683 ? 14 PHE A N   1 
ATOM 81  C CA  . PHE A 1 17 ? 2.13002   3.77964   6.15852  1.000 55.35351 ? 14 PHE A CA  1 
ATOM 82  C C   . PHE A 1 17 ? 2.95349   4.88397   6.81088  1.000 64.57175 ? 14 PHE A C   1 
ATOM 83  O O   . PHE A 1 17 ? 2.44539   5.97747   7.08475  1.000 59.25407 ? 14 PHE A O   1 
ATOM 84  C CB  . PHE A 1 17 ? 1.92743   2.62442   7.13617  1.000 52.17583 ? 14 PHE A CB  1 
ATOM 85  C CG  . PHE A 1 17 ? 1.05095   2.96459   8.30139  1.000 53.28177 ? 14 PHE A CG  1 
ATOM 86  C CD1 . PHE A 1 17 ? -0.32797  2.95794   8.17388  1.000 55.24620 ? 14 PHE A CD1 1 
ATOM 87  C CD2 . PHE A 1 17 ? 1.60609   3.28803   9.52753  1.000 47.72971 ? 14 PHE A CD2 1 
ATOM 88  C CE1 . PHE A 1 17 ? -1.13783  3.26780   9.25148  1.000 63.58256 ? 14 PHE A CE1 1 
ATOM 89  C CE2 . PHE A 1 17 ? 0.80452   3.59799   10.60805 1.000 50.42568 ? 14 PHE A CE2 1 
ATOM 90  C CZ  . PHE A 1 17 ? -0.56910  3.58994   10.47139 1.000 51.40309 ? 14 PHE A CZ  1 
ATOM 91  N N   . LYS A 1 18 ? 4.23512   4.60964   7.06950  1.000 65.47865 ? 15 LYS A N   1 
ATOM 92  C CA  . LYS A 1 18 ? 5.07978   5.58763   7.74788  1.000 57.98795 ? 15 LYS A CA  1 
ATOM 93  C C   . LYS A 1 18 ? 5.16392   6.88845   6.95915  1.000 60.66880 ? 15 LYS A C   1 
ATOM 94  O O   . LYS A 1 18 ? 5.11444   7.97931   7.54028  1.000 64.96358 ? 15 LYS A O   1 
ATOM 95  C CB  . LYS A 1 18 ? 6.47371   5.00380   7.97800  1.000 39.78261 ? 15 LYS A CB  1 
ATOM 96  N N   . ARG A 1 19 ? 5.27899   6.79400   5.63247  1.000 56.34741 ? 16 ARG A N   1 
ATOM 97  C CA  . ARG A 1 19 ? 5.33002   7.99809   4.81029  1.000 55.70284 ? 16 ARG A CA  1 
ATOM 98  C C   . ARG A 1 19 ? 3.99920   8.74142   4.83478  1.000 63.80886 ? 16 ARG A C   1 
ATOM 99  O O   . ARG A 1 19 ? 3.97213   9.97047   4.96985  1.000 62.33635 ? 16 ARG A O   1 
ATOM 100 C CB  . ARG A 1 19 ? 5.72371   7.63937   3.37751  1.000 48.78232 ? 16 ARG A CB  1 
ATOM 101 N N   . ILE A 1 20 ? 2.88549   8.01475   4.71431  1.000 58.08607 ? 17 ILE A N   1 
ATOM 102 C CA  . ILE A 1 20 ? 1.57503   8.65867   4.72382  1.000 56.59094 ? 17 ILE A CA  1 
ATOM 103 C C   . ILE A 1 20 ? 1.27072   9.24269   6.09774  1.000 68.49436 ? 17 ILE A C   1 
ATOM 104 O O   . ILE A 1 20 ? 0.75213   10.36012  6.20899  1.000 74.32034 ? 17 ILE A O   1 
ATOM 105 C CB  . ILE A 1 20 ? 0.48711   7.66445   4.27689  1.000 63.64383 ? 17 ILE A CB  1 
ATOM 106 C CG1 . ILE A 1 20 ? 0.73095   7.21385   2.83446  1.000 60.99335 ? 17 ILE A CG1 1 
ATOM 107 C CG2 . ILE A 1 20 ? -0.90008  8.27219   4.43761  1.000 70.39348 ? 17 ILE A CG2 1 
ATOM 108 C CD1 . ILE A 1 20 ? -0.45451  6.51125   2.20090  1.000 67.09984 ? 17 ILE A CD1 1 
ATOM 109 N N   . THR A 1 21 ? 1.59620   8.50903   7.16501  1.000 72.66849 ? 18 THR A N   1 
ATOM 110 C CA  . THR A 1 21 ? 1.26180   8.95980   8.51186  1.000 71.14045 ? 18 THR A CA  1 
ATOM 111 C C   . THR A 1 21 ? 2.07294   10.17205  8.95628  1.000 72.91315 ? 18 THR A C   1 
ATOM 112 O O   . THR A 1 21 ? 1.74866   10.76222  9.99183  1.000 74.13078 ? 18 THR A O   1 
ATOM 113 C CB  . THR A 1 21 ? 1.45576   7.82003   9.51613  1.000 47.96477 ? 18 THR A CB  1 
ATOM 114 N N   . SER A 1 22 ? 3.10813   10.56345  8.20731  1.000 60.12071 ? 19 SER A N   1 
ATOM 115 C CA  . SER A 1 22 ? 3.96865   11.66914  8.61156  1.000 61.49463 ? 19 SER A CA  1 
ATOM 116 C C   . SER A 1 22 ? 4.11377   12.72780  7.52007  1.000 76.17158 ? 19 SER A C   1 
ATOM 117 O O   . SER A 1 22 ? 5.04590   13.53752  7.57155  1.000 73.99154 ? 19 SER A O   1 
ATOM 118 C CB  . SER A 1 22 ? 5.34383   11.14524  9.02931  1.000 56.53899 ? 19 SER A CB  1 
ATOM 119 O OG  . SER A 1 22 ? 6.16238   10.91635  7.89769  1.000 82.11280 ? 19 SER A OG  1 
ATOM 120 N N   . THR A 1 23 ? 3.21232   12.74976  6.54086  1.000 73.30823 ? 20 THR A N   1 
ATOM 121 C CA  . THR A 1 23 ? 3.25281   13.75130  5.47999  1.000 56.47743 ? 20 THR A CA  1 
ATOM 122 C C   . THR A 1 23 ? 2.09615   14.72737  5.64996  1.000 68.54085 ? 20 THR A C   1 
ATOM 123 O O   . THR A 1 23 ? 0.92822   14.32440  5.52539  1.000 68.89710 ? 20 THR A O   1 
ATOM 124 C CB  . THR A 1 23 ? 3.19208   13.08649  4.10352  1.000 60.95626 ? 20 THR A CB  1 
ATOM 125 O OG1 . THR A 1 23 ? 4.43074   12.41452  3.84193  1.000 63.81960 ? 20 THR A OG1 1 
ATOM 126 C CG2 . THR A 1 23 ? 2.94975   14.12538  3.01691  1.000 62.14294 ? 20 THR A CG2 1 
ATOM 127 N N   . PRO A 1 24 ? 2.36083   16.00372  5.94367  1.000 59.99291 ? 21 PRO A N   1 
ATOM 128 C CA  . PRO A 1 24 ? 1.25115   16.95071  6.14785  1.000 68.09090 ? 21 PRO A CA  1 
ATOM 129 C C   . PRO A 1 24 ? 0.46743   17.27534  4.88471  1.000 75.79358 ? 21 PRO A C   1 
ATOM 130 O O   . PRO A 1 24 ? -0.74094  17.53025  4.97293  1.000 73.23595 ? 21 PRO A O   1 
ATOM 131 C CB  . PRO A 1 24 ? 1.95586   18.19795  6.70305  1.000 57.71248 ? 21 PRO A CB  1 
ATOM 132 C CG  . PRO A 1 24 ? 3.40034   18.03151  6.32048  1.000 76.04928 ? 21 PRO A CG  1 
ATOM 133 C CD  . PRO A 1 24 ? 3.64714   16.56156  6.38660  1.000 59.20656 ? 21 PRO A CD  1 
ATOM 134 N N   . ASP A 1 25 ? 1.10884   17.28124  3.71757  1.000 78.36266 ? 22 ASP A N   1 
ATOM 135 C CA  . ASP A 1 25 ? 0.43644   17.70957  2.49590  1.000 87.09017 ? 22 ASP A CA  1 
ATOM 136 C C   . ASP A 1 25 ? -0.62641  16.69899  2.07774  1.000 77.10762 ? 22 ASP A C   1 
ATOM 137 O O   . ASP A 1 25 ? -0.35086  15.49990  1.97001  1.000 73.90593 ? 22 ASP A O   1 
ATOM 138 C CB  . ASP A 1 25 ? 1.45326   17.90333  1.37124  1.000 80.11444 ? 22 ASP A CB  1 
ATOM 139 N N   . LYS A 1 26 ? -1.84439  17.19110  1.83322  1.000 66.87462 ? 23 LYS A N   1 
ATOM 140 C CA  . LYS A 1 26 ? -2.93386  16.30902  1.42238  1.000 58.15182 ? 23 LYS A CA  1 
ATOM 141 C C   . LYS A 1 26 ? -2.65169  15.68399  0.06275  1.000 64.40583 ? 23 LYS A C   1 
ATOM 142 O O   . LYS A 1 26 ? -2.81389  14.47251  -0.12302 1.000 82.03212 ? 23 LYS A O   1 
ATOM 143 C CB  . LYS A 1 26 ? -4.25561  17.07869  1.39364  1.000 45.02051 ? 23 LYS A CB  1 
ATOM 144 N N   . GLU A 1 27 ? -2.22847  16.49978  -0.90552 1.000 81.78950 ? 24 GLU A N   1 
ATOM 145 C CA  . GLU A 1 27 ? -1.97860  15.99015  -2.24785 1.000 77.55888 ? 24 GLU A CA  1 
ATOM 146 C C   . GLU A 1 27 ? -0.75956  15.07937  -2.30465 1.000 69.19060 ? 24 GLU A C   1 
ATOM 147 O O   . GLU A 1 27 ? -0.67134  14.24039  -3.20685 1.000 72.24427 ? 24 GLU A O   1 
ATOM 148 C CB  . GLU A 1 27 ? -1.81373  17.15306  -3.22981 1.000 54.86846 ? 24 GLU A CB  1 
ATOM 149 N N   . LYS A 1 28 ? 0.17836   15.22050  -1.36644 1.000 65.95305 ? 25 LYS A N   1 
ATOM 150 C CA  . LYS A 1 28 ? 1.37046   14.37975  -1.39343 1.000 81.47604 ? 25 LYS A CA  1 
ATOM 151 C C   . LYS A 1 28 ? 1.05380   12.96297  -0.93325 1.000 70.28158 ? 25 LYS A C   1 
ATOM 152 O O   . LYS A 1 28 ? 1.55956   11.98970  -1.50553 1.000 62.53077 ? 25 LYS A O   1 
ATOM 153 C CB  . LYS A 1 28 ? 2.46953   14.99985  -0.52960 1.000 90.23663 ? 25 LYS A CB  1 
ATOM 154 N N   . ARG A 1 29 ? 0.21462   12.82973  0.09640  1.000 76.77684 ? 26 ARG A N   1 
ATOM 155 C CA  . ARG A 1 29 ? -0.16597  11.50897  0.58484  1.000 66.63215 ? 26 ARG A CA  1 
ATOM 156 C C   . ARG A 1 29 ? -0.89329  10.71271  -0.49095 1.000 61.03971 ? 26 ARG A C   1 
ATOM 157 O O   . ARG A 1 29 ? -0.67029  9.50505   -0.63866 1.000 52.67951 ? 26 ARG A O   1 
ATOM 158 C CB  . ARG A 1 29 ? -1.03643  11.65382  1.83150  1.000 48.47886 ? 26 ARG A CB  1 
ATOM 159 C CG  . ARG A 1 29 ? -0.31988  12.29689  3.00044  1.000 48.62072 ? 26 ARG A CG  1 
ATOM 160 C CD  . ARG A 1 29 ? -1.14079  12.19799  4.26464  1.000 51.62934 ? 26 ARG A CD  1 
ATOM 161 N NE  . ARG A 1 29 ? -1.63343  13.50475  4.68280  1.000 51.83295 ? 26 ARG A NE  1 
ATOM 162 C CZ  . ARG A 1 29 ? -2.87607  13.92824  4.49619  1.000 62.51067 ? 26 ARG A CZ  1 
ATOM 163 N NH1 . ARG A 1 29 ? -3.78192  13.16910  3.90183  1.000 62.91332 ? 26 ARG A NH1 1 
ATOM 164 N NH2 . ARG A 1 29 ? -3.21850  15.14326  4.91797  1.000 58.67100 ? 26 ARG A NH2 1 
ATOM 165 N N   . LYS A 1 30 ? -1.76613  11.37525  -1.25692 1.000 55.87121 ? 27 LYS A N   1 
ATOM 166 C CA  . LYS A 1 30 ? -2.46800  10.69049  -2.33705 1.000 51.47673 ? 27 LYS A CA  1 
ATOM 167 C C   . LYS A 1 30 ? -1.49569  10.08420  -3.33829 1.000 63.39468 ? 27 LYS A C   1 
ATOM 168 O O   . LYS A 1 30 ? -1.77729  9.02631   -3.91302 1.000 59.82950 ? 27 LYS A O   1 
ATOM 169 C CB  . LYS A 1 30 ? -3.42448  11.65465  -3.04106 1.000 42.85102 ? 27 LYS A CB  1 
ATOM 170 N N   . GLU A 1 31 ? -0.34530  10.73037  -3.55202 1.000 62.39078 ? 28 GLU A N   1 
ATOM 171 C CA  . GLU A 1 31 ? 0.63913   10.20016  -4.48877 1.000 62.63871 ? 28 GLU A CA  1 
ATOM 172 C C   . GLU A 1 31 ? 1.35158   8.97575   -3.92792 1.000 62.15196 ? 28 GLU A C   1 
ATOM 173 O O   . GLU A 1 31 ? 1.78598   8.11023   -4.69616 1.000 59.34009 ? 28 GLU A O   1 
ATOM 174 C CB  . GLU A 1 31 ? 1.65293   11.28394  -4.85435 1.000 74.86032 ? 28 GLU A CB  1 
ATOM 175 N N   . VAL A 1 32 ? 1.47994   8.88152   -2.60263 1.000 67.52559 ? 29 VAL A N   1 
ATOM 176 C CA  . VAL A 1 32 ? 2.13109   7.71994   -2.00156 1.000 75.31915 ? 29 VAL A CA  1 
ATOM 177 C C   . VAL A 1 32 ? 1.22685   6.49645   -2.08602 1.000 73.13434 ? 29 VAL A C   1 
ATOM 178 O O   . VAL A 1 32 ? 1.66660   5.40732   -2.47650 1.000 64.64073 ? 29 VAL A O   1 
ATOM 179 C CB  . VAL A 1 32 ? 2.53661   8.01737   -0.54732 1.000 78.41465 ? 29 VAL A CB  1 
ATOM 180 C CG1 . VAL A 1 32 ? 3.29007   6.83032   0.04163  1.000 68.12740 ? 29 VAL A CG1 1 
ATOM 181 C CG2 . VAL A 1 32 ? 3.38104   9.28029   -0.47928 1.000 72.44787 ? 29 VAL A CG2 1 
ATOM 182 N N   . VAL A 1 33 ? -0.04831  6.65186   -1.71539 1.000 61.43436 ? 30 VAL A N   1 
ATOM 183 C CA  . VAL A 1 33 ? -0.97250  5.52245   -1.77444 1.000 59.23400 ? 30 VAL A CA  1 
ATOM 184 C C   . VAL A 1 33 ? -1.16651  5.06946   -3.21784 1.000 59.15011 ? 30 VAL A C   1 
ATOM 185 O O   . VAL A 1 33 ? -1.26981  3.86809   -3.49711 1.000 56.49332 ? 30 VAL A O   1 
ATOM 186 C CB  . VAL A 1 33 ? -2.31051  5.87681   -1.09418 1.000 46.74974 ? 30 VAL A CB  1 
ATOM 187 C CG1 . VAL A 1 33 ? -2.90255  7.13616   -1.68333 1.000 65.36233 ? 30 VAL A CG1 1 
ATOM 188 C CG2 . VAL A 1 33 ? -3.29238  4.71927   -1.20962 1.000 75.47492 ? 30 VAL A CG2 1 
ATOM 189 N N   . LYS A 1 34 ? -1.19702  6.01798   -4.16017 1.000 53.33011 ? 31 LYS A N   1 
ATOM 190 C CA  . LYS A 1 34 ? -1.25291  5.64214   -5.56973 1.000 50.44575 ? 31 LYS A CA  1 
ATOM 191 C C   . LYS A 1 34 ? -0.01459  4.85211   -5.97021 1.000 52.50011 ? 31 LYS A C   1 
ATOM 192 O O   . LYS A 1 34 ? -0.11802  3.82628   -6.65283 1.000 60.70782 ? 31 LYS A O   1 
ATOM 193 C CB  . LYS A 1 34 ? -1.40626  6.88261   -6.44843 1.000 42.15174 ? 31 LYS A CB  1 
ATOM 194 N N   . GLU A 1 35 ? 1.16674   5.30855   -5.54500 1.000 46.91488 ? 32 GLU A N   1 
ATOM 195 C CA  . GLU A 1 35 ? 2.38483   4.54665   -5.79957 1.000 56.92413 ? 32 GLU A CA  1 
ATOM 196 C C   . GLU A 1 35 ? 2.36087   3.21131   -5.06772 1.000 56.83532 ? 32 GLU A C   1 
ATOM 197 O O   . GLU A 1 35 ? 2.78593   2.18889   -5.61817 1.000 58.10335 ? 32 GLU A O   1 
ATOM 198 C CB  . GLU A 1 35 ? 3.61274   5.35940   -5.39056 1.000 66.00656 ? 32 GLU A CB  1 
ATOM 199 N N   . ALA A 1 36 ? 1.86781   3.20027   -3.82656 1.000 68.01381 ? 33 ALA A N   1 
ATOM 200 C CA  . ALA A 1 36 ? 1.75695   1.94530   -3.08913 1.000 73.21263 ? 33 ALA A CA  1 
ATOM 201 C C   . ALA A 1 36 ? 0.77326   0.99766   -3.76211 1.000 63.40943 ? 33 ALA A C   1 
ATOM 202 O O   . ALA A 1 36 ? 0.97788   -0.22159  -3.76438 1.000 55.87345 ? 33 ALA A O   1 
ATOM 203 C CB  . ALA A 1 36 ? 1.33839   2.21603   -1.64282 1.000 52.65240 ? 33 ALA A CB  1 
ATOM 204 N N   . THR A 1 37 ? -0.29768  1.54158   -4.34559 1.000 56.06532 ? 34 THR A N   1 
ATOM 205 C CA  . THR A 1 37 ? -1.29712  0.70227   -4.99799 1.000 62.32862 ? 34 THR A CA  1 
ATOM 206 C C   . THR A 1 37 ? -0.69073  -0.06583  -6.16493 1.000 64.20388 ? 34 THR A C   1 
ATOM 207 O O   . THR A 1 37 ? -0.88588  -1.28053  -6.29293 1.000 63.43687 ? 34 THR A O   1 
ATOM 208 C CB  . THR A 1 37 ? -2.47028  1.55912   -5.47381 1.000 57.02041 ? 34 THR A CB  1 
ATOM 209 O OG1 . THR A 1 37 ? -3.15933  2.10093   -4.34141 1.000 61.80485 ? 34 THR A OG1 1 
ATOM 210 C CG2 . THR A 1 37 ? -3.44028  0.72387   -6.29379 1.000 64.46060 ? 34 THR A CG2 1 
ATOM 211 N N   . GLU A 1 38 ? 0.06046   0.63028   -7.02280 1.000 58.50588 ? 35 GLU A N   1 
ATOM 212 C CA  . GLU A 1 38 ? 0.64017   -0.01635  -8.19569 1.000 65.12385 ? 35 GLU A CA  1 
ATOM 213 C C   . GLU A 1 38 ? 1.63538   -1.10175  -7.79969 1.000 64.67573 ? 35 GLU A C   1 
ATOM 214 O O   . GLU A 1 38 ? 1.61751   -2.20458  -8.36004 1.000 59.77306 ? 35 GLU A O   1 
ATOM 215 C CB  . GLU A 1 38 ? 1.30947   1.02788   -9.08961 1.000 51.74287 ? 35 GLU A CB  1 
ATOM 216 N N   . GLN A 1 39 ? 2.50865   -0.81165  -6.83203 1.000 59.85741 ? 36 GLN A N   1 
ATOM 217 C CA  . GLN A 1 39 ? 3.52460   -1.78497  -6.44437 1.000 68.20450 ? 36 GLN A CA  1 
ATOM 218 C C   . GLN A 1 39 ? 2.91144   -3.00367  -5.76340 1.000 64.15472 ? 36 GLN A C   1 
ATOM 219 O O   . GLN A 1 39 ? 3.46557   -4.10550  -5.85349 1.000 51.36818 ? 36 GLN A O   1 
ATOM 220 C CB  . GLN A 1 39 ? 4.56260   -1.12756  -5.53362 1.000 53.99471 ? 36 GLN A CB  1 
ATOM 221 N N   . LEU A 1 40 ? 1.77748   -2.83307  -5.08126 1.000 63.50336 ? 37 LEU A N   1 
ATOM 222 C CA  . LEU A 1 40 ? 1.11679   -3.97795  -4.46478 1.000 72.88825 ? 37 LEU A CA  1 
ATOM 223 C C   . LEU A 1 40 ? 0.38853   -4.81769  -5.50582 1.000 78.29587 ? 37 LEU A C   1 
ATOM 224 O O   . LEU A 1 40 ? 0.43198   -6.05298  -5.45671 1.000 66.86604 ? 37 LEU A O   1 
ATOM 225 C CB  . LEU A 1 40 ? 0.13625   -3.50920  -3.38935 1.000 71.76908 ? 37 LEU A CB  1 
ATOM 226 C CG  . LEU A 1 40 ? 0.74931   -2.88744  -2.13624 1.000 71.82983 ? 37 LEU A CG  1 
ATOM 227 C CD1 . LEU A 1 40 ? -0.33408  -2.25613  -1.26744 1.000 44.38142 ? 37 LEU A CD1 1 
ATOM 228 C CD2 . LEU A 1 40 ? 1.59024   -3.89496  -1.36845 1.000 63.86210 ? 37 LEU A CD2 1 
ATOM 229 N N   . ARG A 1 41 ? -0.28551  -4.15910  -6.45215 1.000 72.16981 ? 38 ARG A N   1 
ATOM 230 C CA  . ARG A 1 41 ? -0.99747  -4.87881  -7.49993 1.000 62.90024 ? 38 ARG A CA  1 
ATOM 231 C C   . ARG A 1 41 ? -0.04312  -5.65287  -8.39839 1.000 66.84653 ? 38 ARG A C   1 
ATOM 232 O O   . ARG A 1 41 ? -0.43059  -6.67258  -8.97932 1.000 83.65320 ? 38 ARG A O   1 
ATOM 233 C CB  . ARG A 1 41 ? -1.83122  -3.90305  -8.32749 1.000 58.28954 ? 38 ARG A CB  1 
ATOM 234 N N   . ARG A 1 42 ? 1.20169   -5.19250  -8.52231 1.000 67.07502 ? 39 ARG A N   1 
ATOM 235 C CA  . ARG A 1 42 ? 2.16912   -5.89428  -9.35685 1.000 82.88561 ? 39 ARG A CA  1 
ATOM 236 C C   . ARG A 1 42 ? 2.85582   -7.02803  -8.60788 1.000 77.20565 ? 39 ARG A C   1 
ATOM 237 O O   . ARG A 1 42 ? 3.30769   -7.99310  -9.23432 1.000 94.76772 ? 39 ARG A O   1 
ATOM 238 C CB  . ARG A 1 42 ? 3.21448   -4.91363  -9.89328 1.000 80.49223 ? 39 ARG A CB  1 
ATOM 239 N N   . ILE A 1 43 ? 2.94461   -6.93410  -7.27662 1.000 73.77635 ? 40 ILE A N   1 
ATOM 240 C CA  . ILE A 1 43 ? 3.62849   -7.95354  -6.48883 1.000 71.74651 ? 40 ILE A CA  1 
ATOM 241 C C   . ILE A 1 43 ? 2.71930   -9.10950  -6.10427 1.000 75.26684 ? 40 ILE A C   1 
ATOM 242 O O   . ILE A 1 43 ? 3.19481   -10.08042 -5.49982 1.000 79.96069 ? 40 ILE A O   1 
ATOM 243 C CB  . ILE A 1 43 ? 4.24155   -7.35157  -5.20753 1.000 56.45847 ? 40 ILE A CB  1 
ATOM 244 N N   . ALA A 1 44 ? 1.43177   -9.04576  -6.43895 1.000 84.14095 ? 41 ALA A N   1 
ATOM 245 C CA  . ALA A 1 44 ? 0.46497   -10.05631 -6.02481 1.000 88.95099 ? 41 ALA A CA  1 
ATOM 246 C C   . ALA A 1 44 ? -0.34017  -10.51559 -7.22982 1.000 84.28233 ? 41 ALA A C   1 
ATOM 247 O O   . ALA A 1 44 ? -0.97631  -9.69809  -7.90322 1.000 80.69594 ? 41 ALA A O   1 
ATOM 248 C CB  . ALA A 1 44 ? -0.46645  -9.51310  -4.93766 1.000 78.47811 ? 41 ALA A CB  1 
ATOM 249 N N   . LYS A 1 45 ? -0.31636  -11.82391 -7.49286 1.000 76.06916 ? 42 LYS A N   1 
ATOM 250 C CA  . LYS A 1 45 ? -1.13046  -12.42889 -8.53521 1.000 78.59183 ? 42 LYS A CA  1 
ATOM 251 C C   . LYS A 1 45 ? -2.07886  -13.50078 -8.02380 1.000 91.35373 ? 42 LYS A C   1 
ATOM 252 O O   . LYS A 1 45 ? -3.09692  -13.75596 -8.67583 1.000 99.10858 ? 42 LYS A O   1 
ATOM 253 C CB  . LYS A 1 45 ? -0.24165  -13.04250 -9.62895 1.000 97.87557 ? 42 LYS A CB  1 
ATOM 254 N N   . ASP A 1 46 ? -1.78266  -14.12871 -6.88866 1.000 87.58304 ? 43 ASP A N   1 
ATOM 255 C CA  . ASP A 1 46 ? -2.67655  -15.12544 -6.32364 1.000 78.67292 ? 43 ASP A CA  1 
ATOM 256 C C   . ASP A 1 46 ? -3.96770  -14.47316 -5.83488 1.000 75.52879 ? 43 ASP A C   1 
ATOM 257 O O   . ASP A 1 46 ? -4.03332  -13.26666 -5.58453 1.000 76.23345 ? 43 ASP A O   1 
ATOM 258 C CB  . ASP A 1 46 ? -1.99442  -15.86717 -5.17347 1.000 75.24577 ? 43 ASP A CB  1 
ATOM 259 N N   . GLU A 1 47 ? -5.00898  -15.29710 -5.70376 1.000 81.81150 ? 44 GLU A N   1 
ATOM 260 C CA  . GLU A 1 47 ? -6.29599  -14.79559 -5.23470 1.000 68.05300 ? 44 GLU A CA  1 
ATOM 261 C C   . GLU A 1 47 ? -6.18935  -14.27087 -3.80883 1.000 66.41489 ? 44 GLU A C   1 
ATOM 262 O O   . GLU A 1 47 ? -6.59147  -13.13802 -3.51940 1.000 70.02956 ? 44 GLU A O   1 
ATOM 263 C CB  . GLU A 1 47 ? -7.35212  -15.89792 -5.33004 1.000 81.13638 ? 44 GLU A CB  1 
ATOM 264 N N   . GLU A 1 48 ? -5.63971  -15.08408 -2.90348 1.000 69.01809 ? 45 GLU A N   1 
ATOM 265 C CA  . GLU A 1 48 ? -5.49957  -14.65808 -1.51471 1.000 82.46749 ? 45 GLU A CA  1 
ATOM 266 C C   . GLU A 1 48 ? -4.54963  -13.47330 -1.39506 1.000 75.57498 ? 45 GLU A C   1 
ATOM 267 O O   . GLU A 1 48 ? -4.76728  -12.57481 -0.57325 1.000 77.87453 ? 45 GLU A O   1 
ATOM 268 C CB  . GLU A 1 48 ? -5.01993  -15.82743 -0.65282 1.000 91.88573 ? 45 GLU A CB  1 
ATOM 269 N N   . GLU A 1 49 ? -3.49038  -13.45146 -2.20746 1.000 75.87544 ? 46 GLU A N   1 
ATOM 270 C CA  . GLU A 1 49 ? -2.57402  -12.31659 -2.19992 1.000 64.22458 ? 46 GLU A CA  1 
ATOM 271 C C   . GLU A 1 49 ? -3.28863  -11.03391 -2.60523 1.000 61.60785 ? 46 GLU A C   1 
ATOM 272 O O   . GLU A 1 49 ? -3.17254  -10.00404 -1.93223 1.000 64.36892 ? 46 GLU A O   1 
ATOM 273 C CB  . GLU A 1 49 ? -1.39334  -12.58444 -3.13431 1.000 66.56760 ? 46 GLU A CB  1 
ATOM 274 C CG  . GLU A 1 49 ? -0.33003  -13.50563 -2.57259 1.000 77.22502 ? 46 GLU A CG  1 
ATOM 275 C CD  . GLU A 1 49 ? 0.72720   -13.85873 -3.60208 1.000 85.52135 ? 46 GLU A CD  1 
ATOM 276 O OE1 . GLU A 1 49 ? 0.68818   -13.28820 -4.71415 1.000 83.84707 ? 46 GLU A OE1 1 
ATOM 277 O OE2 . GLU A 1 49 ? 1.59216   -14.71018 -3.30236 1.000 97.39797 ? 46 GLU A OE2 1 
ATOM 278 N N   . LYS A 1 50 ? -4.03810  -11.08038 -3.71036 1.000 59.49842 ? 47 LYS A N   1 
ATOM 279 C CA  . LYS A 1 50 ? -4.68087  -9.87267  -4.21545 1.000 65.98714 ? 47 LYS A CA  1 
ATOM 280 C C   . LYS A 1 50 ? -5.73596  -9.35179  -3.24874 1.000 75.01095 ? 47 LYS A C   1 
ATOM 281 O O   . LYS A 1 50 ? -5.98410  -8.14086  -3.19672 1.000 70.37030 ? 47 LYS A O   1 
ATOM 282 C CB  . LYS A 1 50 ? -5.29347  -10.14079 -5.59096 1.000 53.58123 ? 47 LYS A CB  1 
ATOM 283 N N   . LYS A 1 51 ? -6.36373  -10.24314 -2.47604 1.000 72.55230 ? 48 LYS A N   1 
ATOM 284 C CA  . LYS A 1 51 ? -7.32030  -9.79834  -1.46727 1.000 67.88966 ? 48 LYS A CA  1 
ATOM 285 C C   . LYS A 1 51 ? -6.62435  -9.03732  -0.34634 1.000 62.42824 ? 48 LYS A C   1 
ATOM 286 O O   . LYS A 1 51 ? -7.13437  -8.01416  0.12487  1.000 55.45636 ? 48 LYS A O   1 
ATOM 287 C CB  . LYS A 1 51 ? -8.09349  -10.99326 -0.90644 1.000 69.87970 ? 48 LYS A CB  1 
ATOM 288 C CG  . LYS A 1 51 ? -9.53675  -10.67630 -0.53225 1.000 70.48913 ? 48 LYS A CG  1 
ATOM 289 C CD  . LYS A 1 51 ? -10.28108 -10.04183 -1.69824 1.000 91.15416 ? 48 LYS A CD  1 
ATOM 290 C CE  . LYS A 1 51 ? -11.31705 -9.03767  -1.21804 1.000 82.82663 ? 48 LYS A CE  1 
ATOM 291 N NZ  . LYS A 1 51 ? -12.45354 -9.69901  -0.52038 1.000 71.99485 ? 48 LYS A NZ  1 
ATOM 292 N N   . LYS A 1 52 ? -5.46153  -9.52434  0.09681  1.000 64.48944 ? 49 LYS A N   1 
ATOM 293 C CA  . LYS A 1 52 ? -4.70385  -8.81274  1.12128  1.000 52.94805 ? 49 LYS A CA  1 
ATOM 294 C C   . LYS A 1 52 ? -4.28311  -7.43718  0.62949  1.000 60.20066 ? 49 LYS A C   1 
ATOM 295 O O   . LYS A 1 52 ? -4.31914  -6.46109  1.38667  1.000 71.12940 ? 49 LYS A O   1 
ATOM 296 C CB  . LYS A 1 52 ? -3.47887  -9.62695  1.53613  1.000 53.20618 ? 49 LYS A CB  1 
ATOM 297 N N   . ALA A 1 53 ? -3.87984  -7.34037  -0.63947 1.000 59.94128 ? 50 ALA A N   1 
ATOM 298 C CA  . ALA A 1 53 ? -3.55899  -6.03931  -1.21165 1.000 56.62180 ? 50 ALA A CA  1 
ATOM 299 C C   . ALA A 1 53 ? -4.78634  -5.14219  -1.27845 1.000 56.46462 ? 50 ALA A C   1 
ATOM 300 O O   . ALA A 1 53 ? -4.66697  -3.92005  -1.14024 1.000 52.69711 ? 50 ALA A O   1 
ATOM 301 C CB  . ALA A 1 53 ? -2.95029  -6.21042  -2.60300 1.000 68.28202 ? 50 ALA A CB  1 
ATOM 302 N N   . ALA A 1 54 ? -5.96879  -5.72630  -1.48428 1.000 65.87307 ? 51 ALA A N   1 
ATOM 303 C CA  . ALA A 1 54 ? -7.18656  -4.92627  -1.53692 1.000 50.12603 ? 51 ALA A CA  1 
ATOM 304 C C   . ALA A 1 54 ? -7.47334  -4.27224  -0.19301 1.000 49.08081 ? 51 ALA A C   1 
ATOM 305 O O   . ALA A 1 54 ? -7.85585  -3.09858  -0.13562 1.000 66.50790 ? 51 ALA A O   1 
ATOM 306 C CB  . ALA A 1 54 ? -8.36565  -5.79233  -1.97727 1.000 81.16277 ? 51 ALA A CB  1 
ATOM 307 N N   . TYR A 1 55 ? -7.29451  -5.01579  0.90156  1.000 51.55646 ? 52 TYR A N   1 
ATOM 308 C CA  . TYR A 1 55 ? -7.50931  -4.43850  2.22546  1.000 55.68099 ? 52 TYR A CA  1 
ATOM 309 C C   . TYR A 1 55 ? -6.42563  -3.42270  2.56151  1.000 61.92525 ? 52 TYR A C   1 
ATOM 310 O O   . TYR A 1 55 ? -6.71759  -2.34642  3.09672  1.000 70.72524 ? 52 TYR A O   1 
ATOM 311 C CB  . TYR A 1 55 ? -7.54582  -5.54075  3.28325  1.000 50.85040 ? 52 TYR A CB  1 
ATOM 312 C CG  . TYR A 1 55 ? -8.76480  -6.43201  3.21682  1.000 62.38858 ? 52 TYR A CG  1 
ATOM 313 C CD1 . TYR A 1 55 ? -10.04241 -5.90574  3.32924  1.000 54.39747 ? 52 TYR A CD1 1 
ATOM 314 C CD2 . TYR A 1 55 ? -8.63429  -7.80526  3.05901  1.000 65.75218 ? 52 TYR A CD2 1 
ATOM 315 C CE1 . TYR A 1 55 ? -11.15437 -6.71999  3.27782  1.000 53.84686 ? 52 TYR A CE1 1 
ATOM 316 C CE2 . TYR A 1 55 ? -9.74080  -8.62581  3.00517  1.000 60.77083 ? 52 TYR A CE2 1 
ATOM 317 C CZ  . TYR A 1 55 ? -10.99739 -8.07799  3.11357  1.000 60.30638 ? 52 TYR A CZ  1 
ATOM 318 O OH  . TYR A 1 55 ? -12.10149 -8.89490  3.05700  1.000 66.56200 ? 52 TYR A OH  1 
ATOM 319 N N   . MET A 1 56 ? -5.16960  -3.75007  2.25208  1.000 62.93021 ? 53 MET A N   1 
ATOM 320 C CA  . MET A 1 56 ? -4.06446  -2.84703  2.54926  1.000 49.88503 ? 53 MET A CA  1 
ATOM 321 C C   . MET A 1 56 ? -4.21048  -1.52978  1.79911  1.000 50.11386 ? 53 MET A C   1 
ATOM 322 O O   . MET A 1 56 ? -3.98203  -0.45544  2.36745  1.000 49.80121 ? 53 MET A O   1 
ATOM 323 C CB  . MET A 1 56 ? -2.74000  -3.53090  2.21139  1.000 34.54328 ? 53 MET A CB  1 
ATOM 324 C CG  . MET A 1 56 ? -2.39641  -4.66134  3.17341  1.000 66.72374 ? 53 MET A CG  1 
ATOM 325 S SD  . MET A 1 56 ? -0.84259  -5.50686  2.83089  1.000 57.57611 ? 53 MET A SD  1 
ATOM 326 C CE  . MET A 1 56 ? -0.40343  -4.75621  1.28460  1.000 52.99289 ? 53 MET A CE  1 
ATOM 327 N N   . ILE A 1 57 ? -4.60080  -1.58952  0.52397  1.000 49.80219 ? 54 ILE A N   1 
ATOM 328 C CA  . ILE A 1 57 ? -4.84111  -0.36168  -0.22550 1.000 53.90188 ? 54 ILE A CA  1 
ATOM 329 C C   . ILE A 1 57 ? -6.02446  0.39317   0.36514  1.000 54.53511 ? 54 ILE A C   1 
ATOM 330 O O   . ILE A 1 57 ? -5.99426  1.62390   0.48915  1.000 67.03645 ? 54 ILE A O   1 
ATOM 331 C CB  . ILE A 1 57 ? -5.05104  -0.67256  -1.71808 1.000 51.41072 ? 54 ILE A CB  1 
ATOM 332 C CG1 . ILE A 1 57 ? -3.72843  -1.07435  -2.36541 1.000 58.54287 ? 54 ILE A CG1 1 
ATOM 333 C CG2 . ILE A 1 57 ? -5.61165  0.54027   -2.44434 1.000 44.70262 ? 54 ILE A CG2 1 
ATOM 334 C CD1 . ILE A 1 57 ? -3.89041  -1.97037  -3.56780 1.000 70.81437 ? 54 ILE A CD1 1 
ATOM 335 N N   . LEU A 1 58 ? -7.07852  -0.33133  0.74996  1.000 53.50658 ? 55 LEU A N   1 
ATOM 336 C CA  . LEU A 1 58 ? -8.22877  0.30291   1.38756  1.000 52.31904 ? 55 LEU A CA  1 
ATOM 337 C C   . LEU A 1 58 ? -7.83129  0.99573   2.68495  1.000 54.14418 ? 55 LEU A C   1 
ATOM 338 O O   . LEU A 1 58 ? -8.28878  2.10920   2.96848  1.000 48.24497 ? 55 LEU A O   1 
ATOM 339 C CB  . LEU A 1 58 ? -9.31817  -0.73563  1.65542  1.000 51.84500 ? 55 LEU A CB  1 
ATOM 340 C CG  . LEU A 1 58 ? -10.47660 -0.28830  2.55235  1.000 46.29037 ? 55 LEU A CG  1 
ATOM 341 C CD1 . LEU A 1 58 ? -11.26992 0.83181   1.90343  1.000 59.89707 ? 55 LEU A CD1 1 
ATOM 342 C CD2 . LEU A 1 58 ? -11.38453 -1.45521  2.91479  1.000 66.57282 ? 55 LEU A CD2 1 
ATOM 343 N N   . PHE A 1 59 ? -6.97778  0.35200   3.48495  1.000 53.14602 ? 56 PHE A N   1 
ATOM 344 C CA  . PHE A 1 59 ? -6.56573  0.94190   4.75604  1.000 58.37356 ? 56 PHE A CA  1 
ATOM 345 C C   . PHE A 1 59 ? -5.77819  2.22928   4.54466  1.000 59.19087 ? 56 PHE A C   1 
ATOM 346 O O   . PHE A 1 59 ? -5.96956  3.20465   5.27947  1.000 52.07108 ? 56 PHE A O   1 
ATOM 347 C CB  . PHE A 1 59 ? -5.74880  -0.06791  5.56552  1.000 56.27005 ? 56 PHE A CB  1 
ATOM 348 C CG  . PHE A 1 59 ? -6.57027  -1.18322  6.14698  1.000 60.62631 ? 56 PHE A CG  1 
ATOM 349 C CD1 . PHE A 1 59 ? -7.94811  -1.18894  6.00502  1.000 59.50486 ? 56 PHE A CD1 1 
ATOM 350 C CD2 . PHE A 1 59 ? -5.96812  -2.22787  6.83038  1.000 63.98086 ? 56 PHE A CD2 1 
ATOM 351 C CE1 . PHE A 1 59 ? -8.70932  -2.20839  6.53314  1.000 41.81669 ? 56 PHE A CE1 1 
ATOM 352 C CE2 . PHE A 1 59 ? -6.73025  -3.25638  7.36317  1.000 66.72978 ? 56 PHE A CE2 1 
ATOM 353 C CZ  . PHE A 1 59 ? -8.10295  -3.24558  7.21305  1.000 37.73402 ? 56 PHE A CZ  1 
ATOM 354 N N   . LEU A 1 60 ? -4.89881  2.25792   3.54149  1.000 57.26475 ? 57 LEU A N   1 
ATOM 355 C CA  . LEU A 1 60 ? -4.09970  3.45436   3.29778  1.000 48.98815 ? 57 LEU A CA  1 
ATOM 356 C C   . LEU A 1 60 ? -4.97174  4.62546   2.86607  1.000 51.29129 ? 57 LEU A C   1 
ATOM 357 O O   . LEU A 1 60 ? -4.72221  5.77132   3.25733  1.000 63.24928 ? 57 LEU A O   1 
ATOM 358 C CB  . LEU A 1 60 ? -3.03789  3.16806   2.23889  1.000 48.89720 ? 57 LEU A CB  1 
ATOM 359 C CG  . LEU A 1 60 ? -1.96790  2.15730   2.63991  1.000 45.54222 ? 57 LEU A CG  1 
ATOM 360 C CD1 . LEU A 1 60 ? -1.05254  1.87336   1.46270  1.000 48.01323 ? 57 LEU A CD1 1 
ATOM 361 C CD2 . LEU A 1 60 ? -1.17947  2.66238   3.83775  1.000 54.58803 ? 57 LEU A CD2 1 
ATOM 362 N N   . LYS A 1 61 ? -6.00559  4.35826   2.06397  1.000 39.94568 ? 58 LYS A N   1 
ATOM 363 C CA  . LYS A 1 61 ? -6.81229  5.44739   1.52508  1.000 41.82495 ? 58 LYS A CA  1 
ATOM 364 C C   . LYS A 1 61 ? -7.69233  6.09289   2.59240  1.000 48.55541 ? 58 LYS A C   1 
ATOM 365 O O   . LYS A 1 61 ? -7.94689  7.30091   2.52717  1.000 66.04144 ? 58 LYS A O   1 
ATOM 366 C CB  . LYS A 1 61 ? -7.65810  4.94418   0.35503  1.000 34.11309 ? 58 LYS A CB  1 
ATOM 367 N N   . THR A 1 62 ? -8.15355  5.32687   3.58231  1.000 45.27041 ? 59 THR A N   1 
ATOM 368 C CA  . THR A 1 62 ? -8.98625  5.89612   4.63921  1.000 66.67952 ? 59 THR A CA  1 
ATOM 369 C C   . THR A 1 62 ? -8.19082  6.70081   5.66294  1.000 56.21275 ? 59 THR A C   1 
ATOM 370 O O   . THR A 1 62 ? -8.79610  7.27023   6.57862  1.000 57.43571 ? 59 THR A O   1 
ATOM 371 C CB  . THR A 1 62 ? -9.78615  4.79907   5.36743  1.000 56.11323 ? 59 THR A CB  1 
ATOM 372 O OG1 . THR A 1 62 ? -8.91023  4.00772   6.18010  1.000 52.85434 ? 59 THR A OG1 1 
ATOM 373 C CG2 . THR A 1 62 ? -10.53067 3.90059   4.38081  1.000 39.98306 ? 59 THR A CG2 1 
ATOM 374 N N   . LEU A 1 63 ? -6.86694  6.75831   5.54291  1.000 50.88009 ? 60 LEU A N   1 
ATOM 375 C CA  . LEU A 1 63 ? -6.04864  7.57576   6.43844  1.000 48.28402 ? 60 LEU A CA  1 
ATOM 376 C C   . LEU A 1 63 ? -6.29479  9.06240   6.20752  1.000 45.37643 ? 60 LEU A C   1 
ATOM 377 O O   . LEU A 1 63 ? -6.54213  9.49248   5.07993  1.000 57.01448 ? 60 LEU A O   1 
ATOM 378 C CB  . LEU A 1 63 ? -4.56206  7.25783   6.25459  1.000 53.14253 ? 60 LEU A CB  1 
ATOM 379 C CG  . LEU A 1 63 ? -3.91409  6.32112   7.27735  1.000 48.62907 ? 60 LEU A CG  1 
ATOM 380 C CD1 . LEU A 1 63 ? -4.71768  5.06655   7.38992  1.000 50.48909 ? 60 LEU A CD1 1 
ATOM 381 C CD2 . LEU A 1 63 ? -2.48541  5.98380   6.87829  1.000 61.57836 ? 60 LEU A CD2 1 
# 
